data_6HBG
#
_entry.id   6HBG
#
_cell.length_a   1.00
_cell.length_b   1.00
_cell.length_c   1.00
_cell.angle_alpha   90.00
_cell.angle_beta   90.00
_cell.angle_gamma   90.00
#
_symmetry.space_group_name_H-M   'P 2 3'
#
loop_
_entity.id
_entity.type
_entity.pdbx_description
1 polymer 'Echovirus 18 viral protein 1'
2 polymer 'Echovirus 18 viral protein 2'
3 polymer 'Echovirus 18 viral protein 3'
4 polymer 'Echovirus 18 viral protein 4'
5 non-polymer 'PALMITIC ACID'
6 non-polymer GUANINE
#
loop_
_entity_poly.entity_id
_entity_poly.type
_entity_poly.pdbx_seq_one_letter_code
_entity_poly.pdbx_strand_id
1 'polypeptide(L)'
;GDNQDRTVANTQPSGPSNSTEIPALTAVETGHTSQVDPSDTIQTRHVVNFHSRSESTIENFMGRAACVFMDQYKINGEET
STDRFAVWTINIREMAQLRRKCEMFTYMRFDIEMTMVITSCQDQGTILDQDMPVLTHQIMYVPPGGPIPAKVDGYEWQTS
TNPSVFWTEGNAPPRISIPFISVGNAYSSFYDGWSHFTQDGTYGYTTLNAMGKLYIRHVNRSSPHQITSTIRVYFKPKHI
KAWVPRPPRLCPYINKRDVNFVVTEITDSRTSITDTPHPEHSVLATH
;
A
2 'polypeptide(L)'
;SPSAEECGYSDRVRSMTLGNSTITTQESANVVVGYGEWPSYLSDREATAEDQPTQPDVATCRFYTLESVQWEKTSPGWWW
KFPEALKNMGLFGQNMHYHYLGRAGYTIHVQCNASKFHQGCLLVVCVPEAEMGCADTDTTFPATELTTEDTPHVFTSDSI
TGKKVQAAVCNAGMGVGVGNLTIFPHQWINLRTNNSATIVIPYINSVPMDNMFRHYNFTLMIIPFAPLNFTDGATAYVPI
TVTIAPMYAEYNGLRLASTQ
;
B
3 'polypeptide(L)'
;GVPVLNTPGSNQFLTSDDYQSPSAMPQFDETPEMHIPGEVRNLMEIAEVDSVVPVNNVTGKTKSMDAYQIPVGTGNTDKT
KPIFSFQMDPGYSSVLKRTLLGEMLNYYAHWSGSVKLTFLFCGSAMATGKLLISYSPPGASVPTSRKDAMLGTHIVWDIG
LQSSCVLCVPWISQSHYRMVQQDPYTSAGYITCWYQTNIVVPPGAPTSCDVLCFASACNDFSVRLLRDTPFMAQPGKLQ
;
C
4 'polypeptide(L)' MGAQVSTQKTGAHETSLSAKGNSIIHYTNINFYKDAASSASNRQDIQQDPGKFTDPVKDLMIKTLPALN D
#
# COMPACT_ATOMS: atom_id res chain seq x y z
N THR A 7 -4.58 10.31 22.80
CA THR A 7 -4.10 11.49 22.08
C THR A 7 -2.68 11.26 21.56
N VAL A 8 -2.21 12.17 20.71
CA VAL A 8 -0.87 12.07 20.13
C VAL A 8 0.16 12.51 21.16
N ALA A 9 1.43 12.23 20.88
CA ALA A 9 2.50 12.44 21.87
C ALA A 9 2.82 13.92 22.03
N ASN A 10 3.04 14.33 23.27
CA ASN A 10 3.43 15.70 23.55
C ASN A 10 4.87 15.94 23.12
N THR A 11 5.24 17.22 23.01
CA THR A 11 6.59 17.60 22.63
C THR A 11 7.35 18.00 23.88
N GLN A 12 8.40 17.25 24.20
CA GLN A 12 9.19 17.52 25.39
C GLN A 12 10.12 18.71 25.16
N PRO A 13 10.38 19.51 26.19
CA PRO A 13 11.28 20.65 26.04
C PRO A 13 12.73 20.18 25.94
N SER A 14 13.47 20.80 25.03
CA SER A 14 14.88 20.50 24.82
C SER A 14 15.68 21.79 24.86
N GLY A 15 16.98 21.65 25.02
CA GLY A 15 17.86 22.80 25.07
C GLY A 15 19.00 22.67 24.07
N PRO A 16 19.97 23.58 24.15
CA PRO A 16 21.13 23.49 23.25
C PRO A 16 22.00 22.30 23.62
N SER A 17 22.35 21.49 22.63
CA SER A 17 23.05 20.24 22.85
C SER A 17 24.34 20.22 22.03
N ASN A 18 25.39 19.67 22.63
CA ASN A 18 26.69 19.50 21.98
C ASN A 18 27.29 18.21 22.53
N SER A 19 27.04 17.11 21.84
CA SER A 19 27.41 15.79 22.35
C SER A 19 27.64 14.84 21.20
N THR A 20 28.16 13.66 21.53
CA THR A 20 28.51 12.65 20.55
C THR A 20 27.31 11.81 20.11
N GLU A 21 26.11 12.18 20.51
CA GLU A 21 24.91 11.49 20.06
C GLU A 21 24.33 12.19 18.85
N ILE A 22 23.79 11.41 17.93
CA ILE A 22 23.32 11.93 16.64
C ILE A 22 21.95 11.39 16.29
N PRO A 23 20.86 12.05 16.72
CA PRO A 23 19.53 11.56 16.33
C PRO A 23 19.23 11.77 14.85
N ALA A 24 19.77 12.82 14.25
CA ALA A 24 19.44 13.11 12.85
C ALA A 24 20.10 12.12 11.91
N LEU A 25 21.28 11.63 12.25
CA LEU A 25 22.03 10.72 11.41
C LEU A 25 21.35 9.34 11.41
N THR A 26 20.97 8.87 10.22
CA THR A 26 20.23 7.62 10.16
C THR A 26 20.84 6.75 9.06
N ALA A 27 20.25 5.60 8.81
CA ALA A 27 20.52 4.81 7.60
C ALA A 27 19.17 4.30 7.11
N VAL A 28 18.71 4.82 5.97
CA VAL A 28 17.45 4.34 5.40
C VAL A 28 17.60 2.92 4.90
N GLU A 29 18.80 2.55 4.43
CA GLU A 29 19.05 1.23 3.87
C GLU A 29 18.91 0.11 4.88
N THR A 30 18.59 0.41 6.14
CA THR A 30 18.28 -0.60 7.13
C THR A 30 16.81 -1.00 7.11
N GLY A 31 16.04 -0.47 6.17
CA GLY A 31 14.61 -0.70 6.20
C GLY A 31 13.92 -0.05 7.37
N HIS A 32 14.60 0.90 8.01
CA HIS A 32 14.18 1.48 9.28
C HIS A 32 13.80 2.94 9.08
N THR A 33 12.62 3.31 9.56
CA THR A 33 12.20 4.70 9.58
C THR A 33 12.60 5.32 10.91
N SER A 34 13.31 6.44 10.85
CA SER A 34 13.83 7.07 12.06
C SER A 34 12.68 7.51 12.95
N GLN A 35 12.84 7.30 14.26
CA GLN A 35 11.80 7.60 15.24
C GLN A 35 12.00 8.98 15.87
N VAL A 36 12.75 9.86 15.21
CA VAL A 36 13.09 11.14 15.81
C VAL A 36 11.89 12.07 15.82
N ASP A 37 11.93 13.03 16.74
CA ASP A 37 10.90 14.05 16.90
C ASP A 37 11.54 15.42 16.67
N PRO A 38 10.76 16.51 16.60
CA PRO A 38 11.39 17.83 16.59
C PRO A 38 12.10 18.18 17.88
N SER A 39 11.93 17.36 18.93
CA SER A 39 12.65 17.53 20.18
C SER A 39 14.10 17.09 20.08
N ASP A 40 14.47 16.38 19.01
CA ASP A 40 15.81 15.86 18.84
C ASP A 40 16.68 16.74 17.94
N THR A 41 16.07 17.42 16.99
CA THR A 41 16.79 18.24 16.02
C THR A 41 16.99 19.68 16.51
N ILE A 42 15.91 20.33 16.96
CA ILE A 42 15.98 21.73 17.35
C ILE A 42 15.60 21.90 18.81
N GLN A 43 15.66 23.14 19.31
CA GLN A 43 15.16 23.43 20.64
C GLN A 43 13.66 23.61 20.60
N THR A 44 12.96 22.94 21.50
CA THR A 44 11.51 23.01 21.55
C THR A 44 11.03 23.41 22.93
N ARG A 45 9.81 23.94 22.97
CA ARG A 45 9.11 24.17 24.21
C ARG A 45 8.22 22.97 24.54
N HIS A 46 7.79 22.90 25.79
CA HIS A 46 6.84 21.88 26.18
C HIS A 46 5.45 22.28 25.71
N VAL A 47 4.85 21.49 24.84
CA VAL A 47 3.47 21.71 24.39
C VAL A 47 2.69 20.43 24.65
N VAL A 48 1.45 20.57 25.10
CA VAL A 48 0.57 19.45 25.40
C VAL A 48 -0.34 19.26 24.20
N ASN A 49 -0.18 18.14 23.49
CA ASN A 49 -0.99 17.85 22.31
C ASN A 49 -2.26 17.13 22.76
N PHE A 50 -3.39 17.82 22.64
CA PHE A 50 -4.69 17.21 22.86
C PHE A 50 -5.28 16.69 21.55
N HIS A 51 -4.48 16.61 20.50
CA HIS A 51 -4.93 16.09 19.23
C HIS A 51 -5.00 14.57 19.30
N SER A 52 -6.07 14.01 18.76
CA SER A 52 -6.25 12.56 18.75
C SER A 52 -6.23 12.05 17.31
N ARG A 53 -5.99 10.75 17.18
CA ARG A 53 -6.01 10.07 15.90
C ARG A 53 -7.27 9.21 15.77
N SER A 54 -8.39 9.74 16.27
CA SER A 54 -9.62 8.96 16.33
C SER A 54 -10.27 8.81 14.97
N GLU A 55 -10.08 9.77 14.07
CA GLU A 55 -10.75 9.77 12.78
C GLU A 55 -9.87 9.21 11.66
N SER A 56 -8.63 8.82 11.96
CA SER A 56 -7.77 8.17 10.98
C SER A 56 -7.78 6.65 11.12
N THR A 57 -8.56 6.11 12.06
CA THR A 57 -8.63 4.67 12.24
C THR A 57 -9.36 4.03 11.06
N ILE A 58 -9.20 2.70 10.95
CA ILE A 58 -9.77 1.99 9.81
C ILE A 58 -11.29 1.96 9.91
N GLU A 59 -11.82 1.95 11.14
CA GLU A 59 -13.28 1.90 11.30
C GLU A 59 -13.92 3.23 10.89
N ASN A 60 -13.26 4.35 11.17
CA ASN A 60 -13.78 5.65 10.78
C ASN A 60 -13.49 5.96 9.32
N PHE A 61 -12.36 5.49 8.79
CA PHE A 61 -11.99 5.74 7.41
C PHE A 61 -12.90 4.97 6.45
N MET A 62 -13.00 3.66 6.64
CA MET A 62 -13.82 2.82 5.77
C MET A 62 -15.30 2.87 6.13
N GLY A 63 -15.63 3.30 7.34
CA GLY A 63 -17.00 3.26 7.81
C GLY A 63 -17.88 4.38 7.31
N ARG A 64 -17.97 4.51 5.99
CA ARG A 64 -18.90 5.43 5.36
C ARG A 64 -19.48 4.76 4.12
N ALA A 65 -20.77 4.96 3.89
CA ALA A 65 -21.51 4.21 2.88
C ALA A 65 -21.17 4.75 1.51
N ALA A 66 -20.53 3.92 0.67
CA ALA A 66 -20.10 4.31 -0.66
C ALA A 66 -20.93 3.57 -1.70
N CYS A 67 -21.20 4.25 -2.81
CA CYS A 67 -22.00 3.64 -3.87
C CYS A 67 -21.20 2.56 -4.57
N VAL A 68 -21.81 1.39 -4.75
CA VAL A 68 -21.15 0.24 -5.33
C VAL A 68 -21.86 -0.30 -6.56
N PHE A 69 -23.08 0.13 -6.83
CA PHE A 69 -23.84 -0.48 -7.93
C PHE A 69 -25.01 0.42 -8.32
N MET A 70 -25.11 0.70 -9.63
CA MET A 70 -26.26 1.36 -10.20
C MET A 70 -26.66 0.61 -11.45
N ASP A 71 -27.95 0.27 -11.56
CA ASP A 71 -28.47 -0.32 -12.79
C ASP A 71 -29.97 -0.08 -12.83
N GLN A 72 -30.51 -0.04 -14.03
CA GLN A 72 -31.92 0.20 -14.25
C GLN A 72 -32.67 -1.11 -14.47
N TYR A 73 -33.96 -1.08 -14.14
CA TYR A 73 -34.85 -2.19 -14.44
C TYR A 73 -36.23 -1.59 -14.64
N LYS A 74 -36.92 -2.05 -15.68
CA LYS A 74 -38.17 -1.45 -16.10
C LYS A 74 -39.35 -2.36 -15.81
N ILE A 75 -40.52 -1.73 -15.68
CA ILE A 75 -41.76 -2.45 -15.47
C ILE A 75 -42.54 -2.43 -16.78
N ASN A 76 -43.53 -3.31 -16.88
CA ASN A 76 -44.30 -3.48 -18.12
C ASN A 76 -43.38 -3.79 -19.30
N SER A 81 -38.86 -10.43 -21.01
CA SER A 81 -37.55 -9.90 -21.37
C SER A 81 -36.62 -9.89 -20.17
N THR A 82 -35.36 -9.47 -20.40
CA THR A 82 -34.34 -9.47 -19.36
C THR A 82 -34.01 -8.07 -18.84
N ASP A 83 -34.53 -7.03 -19.47
CA ASP A 83 -34.40 -5.68 -18.94
C ASP A 83 -35.48 -5.34 -17.91
N ARG A 84 -36.32 -6.30 -17.55
CA ARG A 84 -37.33 -6.09 -16.52
C ARG A 84 -36.78 -6.20 -15.11
N PHE A 85 -35.58 -6.73 -14.93
CA PHE A 85 -34.99 -6.85 -13.61
C PHE A 85 -33.48 -6.69 -13.73
N ALA A 86 -32.85 -6.44 -12.59
CA ALA A 86 -31.43 -6.15 -12.52
C ALA A 86 -30.67 -7.31 -11.88
N VAL A 87 -29.38 -7.37 -12.18
CA VAL A 87 -28.49 -8.41 -11.65
C VAL A 87 -27.10 -7.80 -11.56
N TRP A 88 -26.39 -8.11 -10.47
CA TRP A 88 -25.17 -7.40 -10.15
C TRP A 88 -23.93 -8.28 -10.01
N THR A 89 -24.07 -9.55 -9.61
CA THR A 89 -22.96 -10.45 -9.28
C THR A 89 -21.92 -9.70 -8.44
N ILE A 90 -22.22 -9.57 -7.14
CA ILE A 90 -21.62 -8.63 -6.21
C ILE A 90 -20.11 -8.51 -6.31
N ASN A 91 -19.62 -7.28 -6.45
CA ASN A 91 -18.21 -6.96 -6.31
C ASN A 91 -18.06 -5.52 -5.87
N ILE A 92 -16.91 -5.22 -5.25
CA ILE A 92 -16.58 -3.84 -4.89
C ILE A 92 -16.12 -3.04 -6.11
N ARG A 93 -15.70 -3.72 -7.18
CA ARG A 93 -14.94 -3.11 -8.26
C ARG A 93 -15.79 -2.33 -9.25
N GLU A 94 -17.11 -2.24 -9.02
CA GLU A 94 -17.97 -1.54 -9.97
C GLU A 94 -17.65 -0.04 -10.02
N MET A 95 -17.30 0.56 -8.89
CA MET A 95 -17.13 2.00 -8.81
C MET A 95 -15.80 2.35 -8.17
N ALA A 96 -15.24 3.47 -8.59
CA ALA A 96 -13.80 3.72 -8.43
C ALA A 96 -13.44 4.21 -7.04
N GLN A 97 -14.32 4.95 -6.37
CA GLN A 97 -13.91 5.63 -5.15
C GLN A 97 -13.80 4.67 -3.97
N LEU A 98 -14.77 3.75 -3.81
CA LEU A 98 -14.64 2.74 -2.77
C LEU A 98 -13.64 1.66 -3.15
N ARG A 99 -13.40 1.46 -4.45
CA ARG A 99 -12.40 0.50 -4.87
C ARG A 99 -11.01 0.91 -4.41
N ARG A 100 -10.69 2.20 -4.53
CA ARG A 100 -9.37 2.69 -4.14
C ARG A 100 -9.16 2.62 -2.63
N LYS A 101 -10.23 2.64 -1.84
CA LYS A 101 -10.10 2.46 -0.41
C LYS A 101 -9.91 1.00 -0.03
N CYS A 102 -10.55 0.09 -0.77
CA CYS A 102 -10.42 -1.33 -0.51
C CYS A 102 -9.20 -1.95 -1.18
N GLU A 103 -8.74 -1.38 -2.30
CA GLU A 103 -7.49 -1.83 -2.91
C GLU A 103 -6.28 -1.17 -2.24
N MET A 104 -6.47 -0.60 -1.05
CA MET A 104 -5.41 -0.03 -0.24
C MET A 104 -4.86 -1.01 0.79
N PHE A 105 -5.63 -2.05 1.11
CA PHE A 105 -5.20 -3.09 2.01
C PHE A 105 -5.25 -4.42 1.26
N THR A 106 -4.25 -5.27 1.49
CA THR A 106 -4.21 -6.55 0.78
C THR A 106 -5.31 -7.48 1.27
N TYR A 107 -5.39 -7.69 2.58
CA TYR A 107 -6.40 -8.52 3.19
C TYR A 107 -7.21 -7.67 4.16
N MET A 108 -8.53 -7.83 4.15
CA MET A 108 -9.34 -7.07 5.08
C MET A 108 -10.64 -7.83 5.37
N ARG A 109 -10.98 -7.87 6.64
CA ARG A 109 -12.08 -8.68 7.18
C ARG A 109 -13.13 -7.75 7.76
N PHE A 110 -14.29 -7.69 7.10
CA PHE A 110 -15.36 -6.83 7.60
C PHE A 110 -16.70 -7.44 7.24
N ASP A 111 -17.75 -7.00 7.93
CA ASP A 111 -19.13 -7.38 7.64
C ASP A 111 -19.86 -6.10 7.39
N ILE A 112 -20.61 -6.04 6.31
CA ILE A 112 -21.25 -4.84 5.77
C ILE A 112 -22.75 -4.68 5.79
N GLU A 113 -23.31 -3.50 6.04
CA GLU A 113 -24.74 -3.43 5.81
C GLU A 113 -24.97 -2.63 4.53
N MET A 114 -25.94 -3.05 3.73
CA MET A 114 -26.18 -2.44 2.44
C MET A 114 -27.47 -1.62 2.50
N THR A 115 -27.45 -0.47 1.85
CA THR A 115 -28.59 0.43 1.83
C THR A 115 -28.93 0.72 0.37
N MET A 116 -30.19 0.50 0.01
CA MET A 116 -30.64 0.70 -1.36
C MET A 116 -31.39 2.03 -1.46
N VAL A 117 -31.13 2.76 -2.55
CA VAL A 117 -31.85 3.98 -2.87
C VAL A 117 -32.53 3.73 -4.22
N ILE A 118 -33.83 3.49 -4.19
CA ILE A 118 -34.59 3.09 -5.36
C ILE A 118 -35.50 4.24 -5.76
N THR A 119 -35.26 4.80 -6.94
CA THR A 119 -35.98 5.99 -7.41
C THR A 119 -36.61 5.66 -8.77
N SER A 120 -37.94 5.52 -8.79
CA SER A 120 -38.65 5.29 -10.04
C SER A 120 -38.89 6.61 -10.76
N CYS A 121 -38.75 6.60 -12.07
CA CYS A 121 -38.99 7.78 -12.90
C CYS A 121 -39.80 7.38 -14.13
N GLN A 122 -40.77 8.23 -14.47
CA GLN A 122 -41.57 8.01 -15.67
C GLN A 122 -40.83 8.56 -16.88
N ASP A 123 -40.83 7.79 -17.96
CA ASP A 123 -40.10 8.15 -19.17
C ASP A 123 -40.74 9.35 -19.89
N GLN A 130 -52.99 7.80 -17.04
CA GLN A 130 -51.57 7.47 -16.89
C GLN A 130 -51.03 8.02 -15.57
N ASP A 131 -50.92 7.14 -14.58
CA ASP A 131 -50.40 7.51 -13.26
C ASP A 131 -49.97 6.25 -12.53
N MET A 132 -48.74 6.22 -12.06
CA MET A 132 -48.28 5.05 -11.33
C MET A 132 -49.06 4.92 -10.02
N PRO A 133 -49.52 3.72 -9.67
CA PRO A 133 -50.29 3.55 -8.43
C PRO A 133 -49.42 3.72 -7.20
N VAL A 134 -48.45 2.82 -7.09
CA VAL A 134 -47.44 2.80 -6.04
C VAL A 134 -46.49 1.67 -6.45
N LEU A 135 -45.21 1.83 -6.19
CA LEU A 135 -44.23 0.83 -6.60
C LEU A 135 -43.66 0.12 -5.39
N THR A 136 -43.67 -1.20 -5.44
CA THR A 136 -43.04 -2.04 -4.42
C THR A 136 -41.95 -2.84 -5.09
N HIS A 137 -40.78 -2.86 -4.48
CA HIS A 137 -39.60 -3.46 -5.08
C HIS A 137 -39.16 -4.67 -4.25
N GLN A 138 -38.53 -5.62 -4.94
CA GLN A 138 -37.98 -6.80 -4.28
C GLN A 138 -36.50 -6.90 -4.62
N ILE A 139 -35.66 -7.00 -3.60
CA ILE A 139 -34.22 -7.18 -3.76
C ILE A 139 -33.91 -8.56 -3.23
N MET A 140 -33.78 -9.54 -4.12
CA MET A 140 -33.51 -10.91 -3.74
C MET A 140 -32.04 -11.21 -3.95
N TYR A 141 -31.41 -11.80 -2.93
CA TYR A 141 -30.02 -12.19 -2.97
C TYR A 141 -29.93 -13.70 -3.00
N VAL A 142 -29.33 -14.23 -4.05
CA VAL A 142 -29.05 -15.66 -4.16
C VAL A 142 -27.57 -15.88 -3.82
N PRO A 143 -27.26 -16.69 -2.81
CA PRO A 143 -25.86 -17.07 -2.57
C PRO A 143 -25.32 -17.91 -3.71
N PRO A 144 -24.00 -18.03 -3.84
CA PRO A 144 -23.43 -18.59 -5.07
C PRO A 144 -23.84 -20.05 -5.27
N GLY A 145 -24.27 -20.37 -6.48
CA GLY A 145 -24.75 -21.70 -6.81
C GLY A 145 -26.25 -21.86 -6.76
N GLY A 146 -26.98 -20.85 -6.29
CA GLY A 146 -28.42 -20.93 -6.21
C GLY A 146 -29.07 -20.79 -7.56
N PRO A 147 -30.38 -21.01 -7.59
CA PRO A 147 -31.11 -20.88 -8.85
C PRO A 147 -31.27 -19.41 -9.23
N ILE A 148 -30.94 -19.09 -10.48
CA ILE A 148 -31.06 -17.72 -10.97
C ILE A 148 -32.39 -17.61 -11.70
N PRO A 149 -33.12 -16.50 -11.54
CA PRO A 149 -34.32 -16.29 -12.37
C PRO A 149 -33.96 -15.70 -13.71
N ALA A 150 -34.62 -16.19 -14.76
CA ALA A 150 -34.48 -15.65 -16.10
C ALA A 150 -35.66 -14.80 -16.52
N LYS A 151 -36.67 -14.69 -15.66
CA LYS A 151 -37.88 -13.91 -15.94
C LYS A 151 -38.40 -13.34 -14.63
N VAL A 152 -39.32 -12.39 -14.73
CA VAL A 152 -39.90 -11.79 -13.53
C VAL A 152 -40.90 -12.74 -12.89
N ASP A 153 -41.69 -13.44 -13.71
CA ASP A 153 -42.48 -14.58 -13.23
C ASP A 153 -41.61 -15.83 -13.26
N GLY A 154 -40.46 -15.73 -12.59
CA GLY A 154 -39.45 -16.76 -12.71
C GLY A 154 -39.86 -18.09 -12.07
N TYR A 155 -40.29 -17.93 -10.83
CA TYR A 155 -40.59 -18.97 -9.85
C TYR A 155 -39.44 -18.97 -8.83
N GLU A 156 -38.30 -18.41 -9.19
CA GLU A 156 -37.14 -18.29 -8.31
C GLU A 156 -37.38 -17.26 -7.25
N TRP A 157 -38.18 -16.26 -7.56
CA TRP A 157 -38.41 -15.14 -6.68
C TRP A 157 -38.97 -15.50 -5.33
N GLN A 158 -39.87 -16.46 -5.25
CA GLN A 158 -40.23 -16.92 -3.92
C GLN A 158 -38.96 -17.33 -3.19
N THR A 159 -38.75 -16.73 -2.01
CA THR A 159 -37.47 -16.83 -1.30
C THR A 159 -37.65 -17.73 -0.08
N SER A 160 -37.58 -19.05 -0.32
CA SER A 160 -37.68 -20.01 0.78
C SER A 160 -36.46 -19.94 1.68
N THR A 161 -35.27 -19.86 1.09
CA THR A 161 -34.05 -19.72 1.88
C THR A 161 -33.13 -18.63 1.37
N ASN A 162 -33.47 -17.96 0.27
CA ASN A 162 -32.74 -16.77 -0.14
C ASN A 162 -33.18 -15.58 0.71
N PRO A 163 -32.25 -14.75 1.18
CA PRO A 163 -32.65 -13.50 1.82
C PRO A 163 -33.24 -12.55 0.79
N SER A 164 -34.24 -11.77 1.22
CA SER A 164 -34.92 -10.88 0.29
C SER A 164 -35.53 -9.73 1.07
N VAL A 165 -35.57 -8.56 0.42
CA VAL A 165 -36.13 -7.34 1.00
C VAL A 165 -37.26 -6.85 0.10
N PHE A 166 -38.42 -6.61 0.69
CA PHE A 166 -39.56 -6.00 0.02
C PHE A 166 -39.70 -4.57 0.49
N TRP A 167 -39.76 -3.63 -0.46
CA TRP A 167 -39.76 -2.21 -0.13
C TRP A 167 -40.74 -1.49 -1.03
N THR A 168 -41.68 -0.76 -0.43
CA THR A 168 -42.58 0.10 -1.16
C THR A 168 -42.12 1.55 -1.05
N GLU A 169 -42.33 2.31 -2.12
CA GLU A 169 -41.72 3.62 -2.23
C GLU A 169 -42.33 4.61 -1.25
N GLY A 170 -41.58 5.66 -0.95
CA GLY A 170 -41.98 6.66 0.01
C GLY A 170 -41.60 6.37 1.45
N ASN A 171 -40.80 5.33 1.69
CA ASN A 171 -40.39 4.95 3.02
C ASN A 171 -38.89 5.18 3.18
N ALA A 172 -38.36 4.77 4.33
CA ALA A 172 -36.93 4.82 4.56
C ALA A 172 -36.23 3.82 3.64
N PRO A 173 -34.99 4.09 3.25
CA PRO A 173 -34.27 3.16 2.39
C PRO A 173 -34.03 1.84 3.08
N PRO A 174 -34.01 0.73 2.32
CA PRO A 174 -33.88 -0.60 2.94
C PRO A 174 -32.43 -0.86 3.37
N ARG A 175 -32.21 -0.90 4.68
CA ARG A 175 -30.90 -1.23 5.25
C ARG A 175 -30.99 -2.56 5.97
N ILE A 176 -30.12 -3.50 5.59
CA ILE A 176 -29.97 -4.77 6.27
C ILE A 176 -28.49 -5.04 6.47
N SER A 177 -28.16 -5.81 7.51
CA SER A 177 -26.78 -6.11 7.84
C SER A 177 -26.37 -7.45 7.25
N ILE A 178 -25.11 -7.54 6.82
CA ILE A 178 -24.58 -8.74 6.19
C ILE A 178 -23.39 -9.21 7.02
N PRO A 179 -23.21 -10.52 7.23
CA PRO A 179 -22.02 -10.97 7.97
C PRO A 179 -20.81 -11.12 7.07
N PHE A 180 -19.70 -11.59 7.65
CA PHE A 180 -18.48 -11.89 6.92
C PHE A 180 -18.65 -13.25 6.26
N ILE A 181 -19.02 -13.25 4.97
CA ILE A 181 -19.46 -14.47 4.32
C ILE A 181 -18.36 -15.08 3.45
N SER A 182 -17.11 -14.72 3.70
CA SER A 182 -16.03 -15.28 2.93
C SER A 182 -15.60 -16.62 3.44
N VAL A 183 -15.12 -17.45 2.53
CA VAL A 183 -14.58 -18.77 2.84
C VAL A 183 -13.26 -18.70 3.62
N GLY A 184 -12.42 -17.74 3.25
CA GLY A 184 -11.11 -17.50 3.85
C GLY A 184 -11.18 -16.69 5.11
N ASN A 185 -10.07 -16.54 5.82
CA ASN A 185 -10.05 -15.77 7.06
C ASN A 185 -10.18 -14.27 6.82
N ALA A 186 -10.10 -13.83 5.57
CA ALA A 186 -10.28 -12.42 5.23
C ALA A 186 -10.65 -12.32 3.76
N TYR A 187 -11.35 -11.25 3.41
CA TYR A 187 -11.50 -10.93 2.00
C TYR A 187 -10.14 -10.53 1.45
N SER A 188 -9.89 -10.90 0.20
CA SER A 188 -8.64 -10.53 -0.46
C SER A 188 -8.97 -9.52 -1.53
N SER A 189 -8.41 -8.32 -1.41
CA SER A 189 -8.57 -7.32 -2.46
C SER A 189 -7.77 -7.71 -3.68
N PHE A 190 -6.61 -8.33 -3.47
CA PHE A 190 -5.73 -8.75 -4.54
C PHE A 190 -5.44 -10.23 -4.41
N TYR A 191 -5.38 -10.90 -5.56
CA TYR A 191 -5.03 -12.32 -5.62
C TYR A 191 -4.05 -12.49 -6.78
N ASP A 192 -2.76 -12.45 -6.47
CA ASP A 192 -1.73 -12.70 -7.47
C ASP A 192 -1.62 -14.20 -7.65
N GLY A 193 -2.52 -14.74 -8.47
CA GLY A 193 -2.58 -16.17 -8.67
C GLY A 193 -3.61 -16.51 -9.72
N TRP A 194 -3.67 -17.79 -10.06
CA TRP A 194 -4.49 -18.28 -11.14
C TRP A 194 -5.70 -19.04 -10.58
N SER A 195 -6.60 -19.38 -11.50
CA SER A 195 -7.82 -20.10 -11.13
C SER A 195 -7.58 -21.60 -11.10
N HIS A 196 -6.95 -22.14 -12.14
CA HIS A 196 -6.68 -23.56 -12.25
C HIS A 196 -5.29 -23.88 -11.69
N PHE A 197 -5.09 -25.16 -11.34
CA PHE A 197 -3.84 -25.59 -10.74
C PHE A 197 -2.70 -25.66 -11.76
N THR A 198 -3.02 -25.74 -13.04
CA THR A 198 -2.02 -25.73 -14.11
C THR A 198 -1.61 -24.31 -14.51
N GLN A 199 -1.89 -23.32 -13.67
CA GLN A 199 -1.61 -21.92 -13.97
C GLN A 199 -2.27 -21.49 -15.28
N ASP A 200 -3.60 -21.56 -15.29
CA ASP A 200 -4.38 -21.35 -16.49
C ASP A 200 -5.72 -20.75 -16.10
N GLY A 201 -6.39 -20.15 -17.07
CA GLY A 201 -7.75 -19.68 -16.87
C GLY A 201 -7.78 -18.23 -16.42
N THR A 202 -8.57 -17.96 -15.38
CA THR A 202 -8.77 -16.59 -14.91
C THR A 202 -7.65 -16.19 -13.95
N TYR A 203 -7.06 -15.02 -14.20
CA TYR A 203 -6.04 -14.45 -13.34
C TYR A 203 -6.62 -13.34 -12.49
N GLY A 204 -6.14 -13.24 -11.26
CA GLY A 204 -6.45 -12.11 -10.40
C GLY A 204 -7.52 -12.42 -9.36
N TYR A 205 -8.04 -11.35 -8.77
CA TYR A 205 -9.00 -11.45 -7.67
C TYR A 205 -10.37 -11.95 -8.10
N THR A 206 -10.63 -12.07 -9.40
CA THR A 206 -11.93 -12.56 -9.85
C THR A 206 -12.19 -13.97 -9.35
N THR A 207 -11.14 -14.80 -9.30
CA THR A 207 -11.28 -16.19 -8.86
C THR A 207 -11.84 -16.27 -7.44
N LEU A 208 -11.42 -15.36 -6.56
CA LEU A 208 -11.84 -15.39 -5.17
C LEU A 208 -13.23 -14.83 -4.97
N ASN A 209 -13.71 -14.00 -5.89
CA ASN A 209 -14.97 -13.27 -5.71
C ASN A 209 -16.13 -14.23 -5.99
N ALA A 210 -16.45 -15.05 -4.98
CA ALA A 210 -17.63 -15.91 -5.02
C ALA A 210 -18.64 -15.39 -3.99
N MET A 211 -19.33 -14.31 -4.37
CA MET A 211 -20.50 -13.83 -3.65
C MET A 211 -21.65 -13.72 -4.63
N GLY A 212 -22.83 -14.16 -4.18
CA GLY A 212 -23.92 -14.42 -5.09
C GLY A 212 -24.42 -13.18 -5.81
N LYS A 213 -25.20 -13.45 -6.86
CA LYS A 213 -25.84 -12.39 -7.64
C LYS A 213 -26.95 -11.72 -6.83
N LEU A 214 -27.26 -10.48 -7.19
CA LEU A 214 -28.29 -9.69 -6.52
C LEU A 214 -29.35 -9.31 -7.53
N TYR A 215 -30.60 -9.75 -7.29
CA TYR A 215 -31.68 -9.64 -8.24
C TYR A 215 -32.74 -8.67 -7.73
N ILE A 216 -33.06 -7.65 -8.53
CA ILE A 216 -33.99 -6.60 -8.15
C ILE A 216 -35.06 -6.48 -9.22
N ARG A 217 -36.33 -6.44 -8.81
CA ARG A 217 -37.44 -6.31 -9.75
C ARG A 217 -38.60 -5.60 -9.06
N HIS A 218 -39.57 -5.17 -9.87
CA HIS A 218 -40.84 -4.66 -9.37
C HIS A 218 -41.76 -5.84 -9.10
N VAL A 219 -42.25 -5.97 -7.86
CA VAL A 219 -43.27 -6.99 -7.60
C VAL A 219 -44.63 -6.58 -8.12
N ASN A 220 -44.79 -5.33 -8.55
CA ASN A 220 -45.97 -4.95 -9.32
C ASN A 220 -45.99 -5.76 -10.61
N ARG A 221 -47.14 -6.37 -10.91
CA ARG A 221 -47.22 -7.23 -12.07
C ARG A 221 -47.00 -6.48 -13.37
N SER A 222 -47.61 -5.31 -13.51
CA SER A 222 -47.45 -4.52 -14.73
C SER A 222 -47.70 -3.05 -14.39
N SER A 223 -47.77 -2.23 -15.43
CA SER A 223 -48.01 -0.80 -15.30
C SER A 223 -48.68 -0.31 -16.58
N PRO A 224 -49.53 0.72 -16.49
CA PRO A 224 -50.13 1.27 -17.71
C PRO A 224 -49.14 1.99 -18.60
N HIS A 225 -48.03 2.48 -18.05
CA HIS A 225 -47.02 3.18 -18.82
C HIS A 225 -45.64 2.69 -18.40
N GLN A 226 -44.64 3.02 -19.20
CA GLN A 226 -43.28 2.53 -19.00
C GLN A 226 -42.64 3.27 -17.83
N ILE A 227 -42.31 2.54 -16.77
CA ILE A 227 -41.67 3.09 -15.60
C ILE A 227 -40.30 2.44 -15.46
N THR A 228 -39.26 3.26 -15.33
CA THR A 228 -37.88 2.78 -15.21
C THR A 228 -37.37 3.16 -13.83
N SER A 229 -37.10 2.14 -13.01
CA SER A 229 -36.52 2.34 -11.69
C SER A 229 -35.01 2.11 -11.76
N THR A 230 -34.28 2.85 -10.95
CA THR A 230 -32.85 2.66 -10.79
C THR A 230 -32.52 2.43 -9.32
N ILE A 231 -31.60 1.53 -9.06
CA ILE A 231 -31.21 1.16 -7.70
C ILE A 231 -29.79 1.62 -7.46
N ARG A 232 -29.51 2.03 -6.22
CA ARG A 232 -28.19 2.47 -5.80
C ARG A 232 -27.85 1.77 -4.50
N VAL A 233 -26.89 0.84 -4.54
CA VAL A 233 -26.49 0.07 -3.38
C VAL A 233 -25.31 0.78 -2.72
N TYR A 234 -25.38 0.93 -1.40
CA TYR A 234 -24.37 1.65 -0.61
C TYR A 234 -23.83 0.72 0.47
N PHE A 235 -22.67 0.09 0.21
CA PHE A 235 -22.00 -0.66 1.26
C PHE A 235 -21.32 0.29 2.24
N LYS A 236 -21.46 -0.02 3.52
CA LYS A 236 -20.68 0.66 4.56
C LYS A 236 -20.00 -0.41 5.41
N PRO A 237 -18.69 -0.59 5.27
CA PRO A 237 -18.01 -1.60 6.08
C PRO A 237 -17.98 -1.20 7.55
N LYS A 238 -18.21 -2.19 8.42
CA LYS A 238 -18.10 -2.00 9.86
C LYS A 238 -17.48 -3.25 10.47
N HIS A 239 -17.00 -3.11 11.71
CA HIS A 239 -16.23 -4.15 12.39
C HIS A 239 -15.06 -4.58 11.51
N ILE A 240 -14.23 -3.60 11.16
CA ILE A 240 -13.25 -3.73 10.09
C ILE A 240 -11.90 -4.09 10.67
N LYS A 241 -11.26 -5.10 10.08
CA LYS A 241 -9.89 -5.47 10.38
C LYS A 241 -9.14 -5.56 9.06
N ALA A 242 -8.03 -4.83 8.95
CA ALA A 242 -7.28 -4.75 7.71
C ALA A 242 -5.82 -5.14 7.95
N TRP A 243 -5.25 -5.89 7.01
CA TRP A 243 -3.89 -6.38 7.11
C TRP A 243 -3.09 -5.99 5.88
N VAL A 244 -1.78 -5.90 6.07
CA VAL A 244 -0.81 -5.71 4.99
C VAL A 244 -1.20 -4.50 4.15
N PRO A 245 -0.91 -3.29 4.62
CA PRO A 245 -1.22 -2.10 3.83
C PRO A 245 -0.32 -1.98 2.61
N ARG A 246 -0.88 -1.38 1.56
CA ARG A 246 -0.21 -1.23 0.27
C ARG A 246 -0.52 0.17 -0.23
N PRO A 247 0.27 0.69 -1.17
CA PRO A 247 0.11 2.08 -1.57
C PRO A 247 -1.21 2.28 -2.31
N PRO A 248 -1.75 3.50 -2.30
CA PRO A 248 -3.00 3.75 -3.02
C PRO A 248 -2.77 3.72 -4.53
N ARG A 249 -3.88 3.51 -5.25
CA ARG A 249 -3.82 3.38 -6.70
C ARG A 249 -3.47 4.72 -7.35
N LEU A 250 -2.57 4.67 -8.32
CA LEU A 250 -2.13 5.86 -9.04
C LEU A 250 -2.91 6.04 -10.34
N CYS A 251 -2.84 5.04 -11.21
CA CYS A 251 -3.45 5.02 -12.52
C CYS A 251 -4.91 4.57 -12.43
N PRO A 252 -5.75 4.98 -13.40
CA PRO A 252 -7.20 4.73 -13.27
C PRO A 252 -7.61 3.26 -13.42
N TYR A 253 -8.91 3.02 -13.57
CA TYR A 253 -9.52 1.72 -13.29
C TYR A 253 -10.18 1.06 -14.49
N ILE A 254 -9.46 0.94 -15.61
CA ILE A 254 -10.01 0.55 -16.91
C ILE A 254 -11.02 -0.60 -16.85
N ASN A 255 -10.71 -1.64 -16.08
CA ASN A 255 -11.57 -2.83 -16.03
C ASN A 255 -12.23 -2.98 -14.66
N LYS A 256 -13.07 -4.02 -14.55
CA LYS A 256 -13.67 -4.43 -13.29
C LYS A 256 -13.20 -5.80 -12.82
N ARG A 257 -12.82 -6.69 -13.75
CA ARG A 257 -12.38 -8.03 -13.41
C ARG A 257 -10.87 -8.18 -13.37
N ASP A 258 -10.12 -7.09 -13.55
CA ASP A 258 -8.66 -7.17 -13.52
C ASP A 258 -8.09 -5.80 -13.20
N VAL A 259 -6.92 -5.80 -12.59
CA VAL A 259 -6.17 -4.55 -12.34
C VAL A 259 -5.30 -4.33 -13.56
N ASN A 260 -5.91 -3.77 -14.60
CA ASN A 260 -5.23 -3.38 -15.82
C ASN A 260 -5.16 -1.86 -15.87
N PHE A 261 -4.11 -1.34 -16.51
CA PHE A 261 -3.91 0.10 -16.44
C PHE A 261 -3.10 0.59 -17.62
N VAL A 262 -3.35 1.85 -17.96
CA VAL A 262 -2.46 2.65 -18.81
C VAL A 262 -1.48 3.36 -17.90
N VAL A 263 -0.21 3.41 -18.32
CA VAL A 263 0.82 4.02 -17.51
C VAL A 263 0.62 5.53 -17.44
N THR A 264 0.76 6.09 -16.24
CA THR A 264 0.53 7.52 -16.02
C THR A 264 1.70 8.12 -15.26
N GLU A 265 1.81 9.44 -15.35
CA GLU A 265 2.83 10.18 -14.62
C GLU A 265 2.65 9.94 -13.13
N ILE A 266 3.77 9.82 -12.41
CA ILE A 266 3.68 9.57 -10.98
C ILE A 266 3.14 10.80 -10.26
N THR A 267 3.58 11.99 -10.68
CA THR A 267 3.21 13.22 -10.00
C THR A 267 3.09 14.34 -11.04
N ASP A 268 2.35 15.39 -10.65
CA ASP A 268 2.28 16.59 -11.48
C ASP A 268 3.65 17.24 -11.62
N SER A 269 3.89 17.82 -12.79
CA SER A 269 5.23 18.28 -13.14
C SER A 269 5.47 19.72 -12.69
N ARG A 270 6.74 20.08 -12.63
CA ARG A 270 7.20 21.45 -12.44
C ARG A 270 8.06 21.83 -13.64
N THR A 271 8.51 23.09 -13.67
CA THR A 271 9.38 23.55 -14.73
C THR A 271 10.85 23.38 -14.38
N SER A 272 11.21 23.47 -13.10
CA SER A 272 12.57 23.27 -12.65
C SER A 272 12.55 22.63 -11.27
N ILE A 273 13.71 22.14 -10.84
CA ILE A 273 13.81 21.54 -9.52
C ILE A 273 13.76 22.61 -8.43
N THR A 274 14.22 23.82 -8.75
CA THR A 274 14.13 24.95 -7.84
C THR A 274 12.79 25.67 -7.95
N ASP A 275 12.08 25.50 -9.07
CA ASP A 275 10.87 26.26 -9.34
C ASP A 275 9.80 25.96 -8.30
N THR A 276 9.22 27.02 -7.72
CA THR A 276 8.18 26.91 -6.72
C THR A 276 7.26 28.12 -6.82
N PRO A 277 5.96 27.95 -6.58
CA PRO A 277 5.02 29.09 -6.60
C PRO A 277 5.12 29.96 -5.34
N ASP B 11 27.93 -4.27 14.41
CA ASP B 11 26.63 -4.83 14.05
C ASP B 11 26.42 -4.82 12.53
N ARG B 12 27.52 -4.81 11.78
CA ARG B 12 27.47 -4.87 10.33
C ARG B 12 27.71 -6.27 9.80
N VAL B 13 28.58 -7.04 10.47
CA VAL B 13 28.80 -8.43 10.11
C VAL B 13 27.62 -9.26 10.61
N ARG B 14 27.24 -10.26 9.84
CA ARG B 14 26.13 -11.11 10.20
C ARG B 14 26.29 -12.47 9.51
N SER B 15 25.69 -13.49 10.11
CA SER B 15 25.71 -14.84 9.56
C SER B 15 24.33 -15.47 9.72
N MET B 16 23.92 -16.24 8.72
CA MET B 16 22.66 -16.96 8.72
C MET B 16 22.93 -18.40 8.32
N THR B 17 22.62 -19.35 9.20
CA THR B 17 22.86 -20.76 8.94
C THR B 17 21.52 -21.49 8.95
N LEU B 18 21.12 -22.03 7.81
CA LEU B 18 19.87 -22.78 7.68
C LEU B 18 20.12 -24.10 6.97
N GLY B 19 19.91 -25.19 7.68
CA GLY B 19 19.86 -26.51 7.05
C GLY B 19 21.05 -26.88 6.20
N ASN B 20 22.27 -26.65 6.71
CA ASN B 20 23.60 -26.98 6.16
C ASN B 20 24.10 -25.93 5.19
N SER B 21 23.49 -24.75 5.18
CA SER B 21 23.89 -23.69 4.26
C SER B 21 23.93 -22.38 5.03
N THR B 22 25.12 -21.83 5.20
CA THR B 22 25.30 -20.57 5.89
C THR B 22 25.56 -19.43 4.91
N ILE B 23 25.24 -18.21 5.36
CA ILE B 23 25.40 -17.00 4.56
C ILE B 23 26.24 -16.01 5.34
N THR B 24 27.35 -15.58 4.74
CA THR B 24 28.26 -14.62 5.36
C THR B 24 28.14 -13.26 4.68
N THR B 25 27.96 -12.22 5.49
CA THR B 25 28.00 -10.85 5.02
C THR B 25 28.77 -10.02 6.05
N GLN B 26 29.47 -9.00 5.56
CA GLN B 26 30.31 -8.19 6.42
C GLN B 26 29.98 -6.70 6.38
N GLU B 27 29.34 -6.23 5.33
CA GLU B 27 28.76 -4.89 5.27
C GLU B 27 27.29 -5.08 4.94
N SER B 28 26.44 -4.95 5.95
CA SER B 28 25.01 -5.14 5.74
C SER B 28 24.23 -4.38 6.80
N ALA B 29 23.03 -3.97 6.43
CA ALA B 29 22.06 -3.57 7.43
C ALA B 29 21.55 -4.80 8.16
N ASN B 30 20.92 -4.57 9.31
CA ASN B 30 20.37 -5.70 10.05
C ASN B 30 19.18 -6.28 9.30
N VAL B 31 18.91 -7.56 9.54
CA VAL B 31 17.82 -8.22 8.84
C VAL B 31 16.50 -7.56 9.21
N VAL B 32 15.62 -7.44 8.23
CA VAL B 32 14.30 -6.85 8.42
C VAL B 32 13.28 -7.98 8.53
N VAL B 33 12.57 -8.03 9.65
CA VAL B 33 11.53 -9.04 9.87
C VAL B 33 10.22 -8.45 9.35
N GLY B 34 9.63 -9.11 8.36
CA GLY B 34 8.45 -8.60 7.71
C GLY B 34 7.29 -8.39 8.67
N TYR B 35 6.91 -7.14 8.86
CA TYR B 35 5.80 -6.74 9.73
C TYR B 35 6.03 -7.12 11.19
N GLY B 36 7.28 -7.34 11.59
CA GLY B 36 7.58 -7.64 12.97
C GLY B 36 7.16 -9.02 13.45
N GLU B 37 6.86 -9.93 12.54
CA GLU B 37 6.50 -11.30 12.88
C GLU B 37 7.52 -12.27 12.30
N TRP B 38 8.12 -13.09 13.17
CA TRP B 38 9.02 -14.12 12.70
C TRP B 38 8.21 -15.36 12.32
N PRO B 39 8.53 -16.05 11.24
CA PRO B 39 7.70 -17.17 10.81
C PRO B 39 7.83 -18.35 11.76
N SER B 40 6.80 -19.20 11.73
CA SER B 40 6.72 -20.34 12.63
C SER B 40 5.80 -21.39 12.00
N TYR B 41 5.70 -22.53 12.66
CA TYR B 41 4.78 -23.57 12.20
C TYR B 41 3.34 -23.17 12.51
N LEU B 42 2.41 -23.78 11.77
CA LEU B 42 1.00 -23.49 11.95
C LEU B 42 0.49 -24.11 13.25
N SER B 43 -0.22 -23.30 14.03
CA SER B 43 -0.70 -23.74 15.33
C SER B 43 -1.89 -24.70 15.16
N ASP B 44 -2.26 -25.34 16.26
CA ASP B 44 -3.36 -26.29 16.26
C ASP B 44 -4.72 -25.61 16.22
N ARG B 45 -4.80 -24.35 16.66
CA ARG B 45 -6.06 -23.63 16.68
C ARG B 45 -6.34 -22.86 15.39
N GLU B 46 -5.30 -22.54 14.63
CA GLU B 46 -5.44 -21.81 13.36
C GLU B 46 -5.31 -22.73 12.16
N ALA B 47 -5.23 -24.03 12.37
CA ALA B 47 -5.10 -24.98 11.26
C ALA B 47 -6.47 -25.34 10.72
N THR B 48 -6.48 -25.94 9.53
CA THR B 48 -7.73 -26.33 8.87
C THR B 48 -7.73 -27.75 8.31
N ALA B 49 -6.58 -28.38 8.13
CA ALA B 49 -6.49 -29.69 7.50
C ALA B 49 -6.12 -30.72 8.55
N GLU B 50 -7.03 -31.66 8.83
CA GLU B 50 -6.76 -32.72 9.80
C GLU B 50 -6.02 -33.85 9.07
N ASP B 51 -4.75 -33.57 8.81
CA ASP B 51 -3.79 -34.57 8.33
C ASP B 51 -2.43 -34.15 8.87
N GLN B 52 -1.60 -35.14 9.16
CA GLN B 52 -0.31 -34.84 9.77
C GLN B 52 0.58 -34.17 8.73
N PRO B 53 1.01 -32.92 8.96
CA PRO B 53 1.80 -32.23 7.95
C PRO B 53 3.24 -32.75 7.90
N THR B 54 3.84 -32.61 6.72
CA THR B 54 5.24 -32.98 6.52
C THR B 54 6.10 -31.77 6.90
N GLN B 55 7.06 -31.97 7.80
CA GLN B 55 7.95 -30.91 8.26
C GLN B 55 9.40 -31.34 8.04
N PRO B 56 9.90 -31.26 6.81
CA PRO B 56 11.32 -31.55 6.56
C PRO B 56 12.18 -30.33 6.79
N ASP B 57 12.61 -30.12 8.04
CA ASP B 57 13.16 -28.82 8.44
C ASP B 57 14.54 -28.56 7.82
N VAL B 58 15.33 -29.60 7.58
CA VAL B 58 16.67 -29.41 7.05
C VAL B 58 16.78 -29.68 5.55
N ALA B 59 15.83 -30.39 4.96
CA ALA B 59 15.93 -30.71 3.54
C ALA B 59 15.42 -29.58 2.67
N THR B 60 14.43 -28.83 3.15
CA THR B 60 13.81 -27.74 2.40
C THR B 60 14.15 -26.36 2.95
N CYS B 61 14.23 -26.22 4.27
CA CYS B 61 14.49 -24.93 4.90
C CYS B 61 15.99 -24.67 4.90
N ARG B 62 16.49 -24.23 3.75
CA ARG B 62 17.91 -23.97 3.54
C ARG B 62 18.04 -22.96 2.42
N PHE B 63 19.24 -22.42 2.26
CA PHE B 63 19.45 -21.35 1.29
C PHE B 63 19.56 -21.90 -0.13
N TYR B 64 18.73 -21.36 -1.00
CA TYR B 64 18.75 -21.67 -2.43
C TYR B 64 19.16 -20.41 -3.17
N THR B 65 20.12 -20.55 -4.09
CA THR B 65 20.71 -19.41 -4.78
C THR B 65 20.18 -19.37 -6.22
N LEU B 66 19.45 -18.31 -6.54
CA LEU B 66 18.87 -18.15 -7.86
C LEU B 66 19.93 -17.69 -8.86
N GLU B 67 19.53 -17.60 -10.12
CA GLU B 67 20.42 -17.13 -11.17
C GLU B 67 20.69 -15.64 -11.00
N SER B 68 21.96 -15.26 -11.07
CA SER B 68 22.34 -13.86 -10.88
C SER B 68 22.06 -13.07 -12.14
N VAL B 69 21.80 -11.77 -11.95
CA VAL B 69 21.47 -10.86 -13.04
C VAL B 69 22.49 -9.74 -13.09
N GLN B 70 22.78 -9.29 -14.31
CA GLN B 70 23.74 -8.22 -14.51
C GLN B 70 23.07 -6.87 -14.30
N TRP B 71 23.68 -6.03 -13.45
CA TRP B 71 23.16 -4.70 -13.18
C TRP B 71 23.97 -3.69 -13.97
N GLU B 72 23.29 -2.98 -14.87
CA GLU B 72 23.88 -2.08 -15.85
C GLU B 72 23.47 -0.64 -15.52
N LYS B 73 23.97 0.29 -16.34
CA LYS B 73 23.65 1.70 -16.08
C LYS B 73 22.19 2.01 -16.40
N THR B 74 21.58 1.26 -17.32
CA THR B 74 20.21 1.54 -17.76
C THR B 74 19.26 0.40 -17.46
N SER B 75 19.61 -0.50 -16.54
CA SER B 75 18.73 -1.63 -16.24
C SER B 75 17.58 -1.17 -15.36
N PRO B 76 16.34 -1.43 -15.75
CA PRO B 76 15.19 -0.88 -15.01
C PRO B 76 14.93 -1.59 -13.68
N GLY B 77 14.98 -2.91 -13.69
CA GLY B 77 14.64 -3.68 -12.50
C GLY B 77 14.28 -5.11 -12.86
N TRP B 78 13.97 -5.88 -11.83
CA TRP B 78 13.66 -7.29 -11.97
C TRP B 78 12.58 -7.66 -10.97
N TRP B 79 11.88 -8.76 -11.24
CA TRP B 79 11.00 -9.33 -10.23
C TRP B 79 11.00 -10.85 -10.35
N TRP B 80 10.96 -11.51 -9.20
CA TRP B 80 10.74 -12.94 -9.10
C TRP B 80 9.38 -13.16 -8.45
N LYS B 81 8.77 -14.30 -8.73
CA LYS B 81 7.53 -14.70 -8.07
C LYS B 81 7.73 -16.01 -7.32
N PHE B 82 7.67 -15.94 -6.04
CA PHE B 82 7.80 -17.00 -5.07
C PHE B 82 6.42 -17.36 -4.51
N PRO B 83 6.21 -18.60 -4.05
CA PRO B 83 7.13 -19.73 -3.92
C PRO B 83 7.54 -20.36 -5.24
N GLU B 84 6.74 -20.07 -6.27
CA GLU B 84 6.83 -20.78 -7.54
C GLU B 84 8.25 -20.74 -8.12
N ALA B 85 8.96 -19.62 -7.97
CA ALA B 85 10.31 -19.53 -8.50
C ALA B 85 11.24 -20.60 -7.93
N LEU B 86 10.91 -21.14 -6.74
CA LEU B 86 11.71 -22.16 -6.09
C LEU B 86 11.30 -23.57 -6.47
N LYS B 87 10.45 -23.75 -7.48
CA LYS B 87 10.12 -25.10 -7.93
C LYS B 87 11.32 -25.72 -8.63
N ASN B 88 11.29 -27.05 -8.74
CA ASN B 88 12.37 -27.88 -9.29
C ASN B 88 13.76 -27.44 -8.82
N MET B 89 13.83 -26.88 -7.62
CA MET B 89 15.09 -26.51 -6.98
C MET B 89 15.17 -27.23 -5.64
N GLY B 90 15.96 -28.31 -5.61
CA GLY B 90 16.14 -29.07 -4.39
C GLY B 90 14.87 -29.79 -4.00
N LEU B 91 14.83 -30.21 -2.72
CA LEU B 91 13.66 -30.89 -2.17
C LEU B 91 12.54 -29.93 -1.82
N PHE B 92 12.78 -28.62 -1.81
CA PHE B 92 11.67 -27.69 -1.61
C PHE B 92 10.72 -27.70 -2.80
N GLY B 93 11.25 -27.91 -4.01
CA GLY B 93 10.42 -28.03 -5.19
C GLY B 93 9.79 -29.39 -5.38
N GLN B 94 10.40 -30.44 -4.82
CA GLN B 94 9.81 -31.77 -4.93
C GLN B 94 8.61 -31.90 -4.01
N ASN B 95 8.66 -31.29 -2.82
CA ASN B 95 7.52 -31.31 -1.92
C ASN B 95 6.38 -30.41 -2.40
N MET B 96 6.61 -29.55 -3.38
CA MET B 96 5.50 -28.83 -4.00
C MET B 96 4.69 -29.76 -4.91
N HIS B 97 5.38 -30.60 -5.68
CA HIS B 97 4.71 -31.40 -6.70
C HIS B 97 3.89 -32.52 -6.08
N TYR B 98 4.28 -33.01 -4.91
CA TYR B 98 3.59 -34.12 -4.26
C TYR B 98 2.57 -33.67 -3.22
N HIS B 99 2.63 -32.43 -2.75
CA HIS B 99 1.69 -31.93 -1.76
C HIS B 99 0.80 -30.85 -2.36
N TYR B 100 -0.39 -30.72 -1.76
CA TYR B 100 -1.42 -29.79 -2.19
C TYR B 100 -1.36 -28.47 -1.44
N LEU B 101 -0.85 -28.46 -0.22
CA LEU B 101 -0.79 -27.27 0.61
C LEU B 101 0.66 -26.99 1.01
N GLY B 102 0.91 -25.77 1.46
CA GLY B 102 2.24 -25.39 1.87
C GLY B 102 2.36 -24.04 2.56
N ARG B 103 3.28 -23.96 3.51
CA ARG B 103 3.67 -22.72 4.16
C ARG B 103 5.18 -22.57 4.10
N ALA B 104 5.66 -21.35 4.30
CA ALA B 104 7.09 -21.11 4.49
C ALA B 104 7.28 -19.71 5.05
N GLY B 105 8.53 -19.29 5.21
CA GLY B 105 8.86 -18.04 5.86
C GLY B 105 10.03 -17.29 5.25
N TYR B 106 10.61 -17.87 4.21
CA TYR B 106 11.40 -17.16 3.19
C TYR B 106 12.36 -16.10 3.71
N THR B 107 13.48 -16.51 4.30
CA THR B 107 14.61 -15.59 4.42
C THR B 107 15.08 -15.23 3.03
N ILE B 108 14.99 -13.95 2.68
CA ILE B 108 15.38 -13.45 1.37
C ILE B 108 16.67 -12.66 1.56
N HIS B 109 17.76 -13.14 0.97
CA HIS B 109 19.06 -12.49 1.08
C HIS B 109 19.50 -12.05 -0.31
N VAL B 110 19.22 -10.79 -0.64
CA VAL B 110 19.68 -10.19 -1.89
C VAL B 110 21.02 -9.52 -1.64
N GLN B 111 21.99 -9.80 -2.51
CA GLN B 111 23.37 -9.39 -2.28
C GLN B 111 23.97 -8.85 -3.56
N CYS B 112 24.55 -7.66 -3.47
CA CYS B 112 25.14 -7.00 -4.64
C CYS B 112 26.31 -6.17 -4.14
N ASN B 113 27.51 -6.61 -4.46
CA ASN B 113 28.75 -5.99 -4.02
C ASN B 113 29.30 -5.05 -5.08
N ALA B 114 30.10 -4.09 -4.63
CA ALA B 114 30.76 -3.15 -5.53
C ALA B 114 32.01 -2.63 -4.84
N SER B 115 32.66 -1.66 -5.46
CA SER B 115 33.85 -1.03 -4.89
C SER B 115 33.42 0.21 -4.12
N LYS B 116 34.38 1.03 -3.72
CA LYS B 116 34.11 2.36 -3.18
C LYS B 116 34.11 3.41 -4.28
N PHE B 117 34.26 3.00 -5.54
CA PHE B 117 34.23 3.91 -6.68
C PHE B 117 33.02 3.63 -7.58
N HIS B 118 32.10 2.79 -7.13
CA HIS B 118 30.81 2.60 -7.78
C HIS B 118 29.74 3.28 -6.95
N GLN B 119 28.68 3.72 -7.62
CA GLN B 119 27.55 4.33 -6.94
C GLN B 119 26.26 3.78 -7.53
N GLY B 120 25.19 3.88 -6.75
CA GLY B 120 23.91 3.31 -7.12
C GLY B 120 23.15 2.93 -5.87
N CYS B 121 21.85 2.69 -6.06
CA CYS B 121 20.98 2.41 -4.92
C CYS B 121 19.80 1.57 -5.40
N LEU B 122 19.69 0.35 -4.88
CA LEU B 122 18.61 -0.57 -5.22
C LEU B 122 17.53 -0.54 -4.15
N LEU B 123 16.30 -0.83 -4.58
CA LEU B 123 15.19 -1.08 -3.67
C LEU B 123 14.83 -2.56 -3.74
N VAL B 124 15.17 -3.29 -2.68
CA VAL B 124 14.82 -4.70 -2.55
C VAL B 124 13.55 -4.76 -1.70
N VAL B 125 12.40 -4.93 -2.35
CA VAL B 125 11.10 -4.87 -1.69
C VAL B 125 10.35 -6.17 -1.97
N CYS B 126 9.76 -6.73 -0.92
CA CYS B 126 8.89 -7.89 -1.02
C CYS B 126 7.44 -7.44 -0.91
N VAL B 127 6.68 -7.63 -1.98
CA VAL B 127 5.30 -7.16 -2.05
C VAL B 127 4.37 -8.37 -2.03
N PRO B 128 3.59 -8.58 -0.97
CA PRO B 128 2.59 -9.65 -0.98
C PRO B 128 1.47 -9.35 -1.97
N GLU B 129 1.13 -10.34 -2.78
CA GLU B 129 0.02 -10.25 -3.74
C GLU B 129 0.24 -9.11 -4.73
N ALA B 130 1.38 -9.17 -5.44
CA ALA B 130 1.67 -8.18 -6.47
C ALA B 130 0.93 -8.60 -7.73
N GLU B 131 -0.38 -8.34 -7.74
CA GLU B 131 -1.22 -8.69 -8.87
C GLU B 131 -0.86 -7.76 -10.03
N MET B 132 -0.22 -8.33 -11.05
CA MET B 132 0.34 -7.52 -12.12
C MET B 132 -0.77 -7.04 -13.06
N GLY B 133 -0.38 -6.25 -14.05
CA GLY B 133 -1.32 -5.72 -15.02
C GLY B 133 -0.88 -6.05 -16.43
N CYS B 134 -1.86 -6.32 -17.29
CA CYS B 134 -1.58 -6.71 -18.65
C CYS B 134 -1.19 -5.50 -19.49
N ALA B 135 -0.33 -5.74 -20.50
CA ALA B 135 0.16 -4.64 -21.32
C ALA B 135 -0.97 -4.02 -22.15
N ASP B 136 -1.81 -4.84 -22.75
CA ASP B 136 -3.01 -4.36 -23.44
C ASP B 136 -4.20 -4.54 -22.50
N THR B 137 -4.91 -3.42 -22.25
CA THR B 137 -5.84 -3.33 -21.14
C THR B 137 -7.11 -4.17 -21.28
N ASP B 138 -7.31 -4.84 -22.41
CA ASP B 138 -8.56 -5.57 -22.63
C ASP B 138 -8.39 -7.07 -22.74
N THR B 139 -7.18 -7.60 -22.57
CA THR B 139 -6.96 -9.04 -22.68
C THR B 139 -6.32 -9.58 -21.39
N THR B 140 -5.98 -10.86 -21.42
CA THR B 140 -5.27 -11.52 -20.34
C THR B 140 -4.02 -12.19 -20.90
N PHE B 141 -2.97 -12.21 -20.11
CA PHE B 141 -1.66 -12.66 -20.56
C PHE B 141 -1.33 -14.05 -20.00
N PRO B 142 -0.49 -14.82 -20.70
CA PRO B 142 -0.20 -16.19 -20.25
C PRO B 142 0.59 -16.21 -18.96
N ALA B 143 0.76 -17.42 -18.42
CA ALA B 143 1.45 -17.61 -17.15
C ALA B 143 2.96 -17.55 -17.29
N THR B 144 3.48 -17.70 -18.51
CA THR B 144 4.92 -17.57 -18.73
C THR B 144 5.38 -16.12 -18.68
N GLU B 145 4.46 -15.18 -18.81
CA GLU B 145 4.79 -13.77 -18.66
C GLU B 145 5.15 -13.44 -17.22
N LEU B 146 4.36 -13.94 -16.27
CA LEU B 146 4.62 -13.69 -14.86
C LEU B 146 5.94 -14.33 -14.44
N THR B 147 6.13 -15.59 -14.80
CA THR B 147 7.37 -16.31 -14.48
C THR B 147 8.14 -16.71 -15.74
N THR B 151 15.87 -16.94 -15.10
CA THR B 151 16.01 -15.60 -15.67
C THR B 151 14.81 -14.72 -15.34
N PRO B 152 14.90 -13.97 -14.25
CA PRO B 152 13.76 -13.15 -13.81
C PRO B 152 13.31 -12.19 -14.89
N HIS B 153 12.01 -11.98 -14.97
CA HIS B 153 11.48 -10.97 -15.88
C HIS B 153 12.01 -9.59 -15.49
N VAL B 154 12.22 -8.77 -16.51
CA VAL B 154 12.82 -7.45 -16.36
C VAL B 154 11.73 -6.40 -16.49
N PHE B 155 11.90 -5.29 -15.78
CA PHE B 155 11.08 -4.13 -16.06
C PHE B 155 11.60 -3.44 -17.32
N THR B 156 10.86 -2.44 -17.79
CA THR B 156 11.30 -1.62 -18.90
C THR B 156 11.09 -0.16 -18.56
N SER B 157 12.02 0.68 -19.01
CA SER B 157 11.92 2.13 -18.81
C SER B 157 11.19 2.78 -19.97
N ASP B 158 10.03 2.22 -20.29
CA ASP B 158 9.23 2.61 -21.44
C ASP B 158 7.84 2.05 -21.23
N SER B 159 7.06 1.93 -22.30
CA SER B 159 5.75 1.28 -22.25
C SER B 159 5.72 0.17 -23.29
N ILE B 160 5.56 -1.06 -22.83
CA ILE B 160 5.45 -2.17 -23.77
C ILE B 160 3.99 -2.36 -24.16
N THR B 161 3.78 -3.09 -25.25
CA THR B 161 2.44 -3.42 -25.72
C THR B 161 2.44 -4.87 -26.17
N GLY B 162 1.30 -5.53 -25.99
CA GLY B 162 1.14 -6.91 -26.39
C GLY B 162 0.53 -7.73 -25.28
N LYS B 163 0.63 -9.05 -25.42
CA LYS B 163 0.09 -10.00 -24.44
C LYS B 163 1.10 -10.25 -23.32
N LYS B 164 1.44 -9.18 -22.62
CA LYS B 164 2.53 -9.19 -21.65
C LYS B 164 2.09 -8.47 -20.39
N VAL B 165 2.84 -8.68 -19.31
CA VAL B 165 2.66 -7.89 -18.12
C VAL B 165 3.22 -6.49 -18.35
N GLN B 166 2.47 -5.48 -17.93
CA GLN B 166 2.91 -4.09 -18.10
C GLN B 166 4.10 -3.84 -17.19
N ALA B 167 5.31 -3.97 -17.75
CA ALA B 167 6.54 -3.93 -16.96
C ALA B 167 7.20 -2.57 -17.00
N ALA B 168 6.41 -1.50 -17.02
CA ALA B 168 6.98 -0.18 -16.79
C ALA B 168 7.46 -0.08 -15.35
N VAL B 169 8.36 0.87 -15.08
CA VAL B 169 8.99 0.98 -13.78
C VAL B 169 8.27 1.98 -12.89
N CYS B 170 7.80 3.10 -13.46
CA CYS B 170 7.12 4.10 -12.65
C CYS B 170 5.85 3.53 -12.03
N ASN B 171 5.04 2.86 -12.83
CA ASN B 171 4.00 1.98 -12.32
C ASN B 171 4.59 0.57 -12.27
N ALA B 172 4.90 0.10 -11.07
CA ALA B 172 5.79 -1.05 -10.85
C ALA B 172 5.21 -2.38 -11.36
N GLY B 173 4.18 -2.37 -12.20
CA GLY B 173 3.53 -3.56 -12.70
C GLY B 173 2.16 -3.78 -12.09
N MET B 174 2.00 -3.39 -10.82
CA MET B 174 0.76 -3.45 -10.08
C MET B 174 -0.02 -2.14 -10.13
N GLY B 175 0.53 -1.12 -10.81
CA GLY B 175 -0.20 0.12 -11.04
C GLY B 175 -0.19 1.11 -9.91
N VAL B 176 0.93 1.25 -9.21
CA VAL B 176 1.07 2.21 -8.12
C VAL B 176 2.30 3.07 -8.37
N GLY B 177 2.55 4.02 -7.47
CA GLY B 177 3.79 4.78 -7.51
C GLY B 177 4.92 3.93 -6.97
N VAL B 178 6.01 3.85 -7.73
CA VAL B 178 7.10 2.95 -7.35
C VAL B 178 7.86 3.47 -6.13
N GLY B 179 7.81 4.78 -5.88
CA GLY B 179 8.36 5.31 -4.65
C GLY B 179 7.55 4.96 -3.43
N ASN B 180 6.29 4.57 -3.62
CA ASN B 180 5.41 4.18 -2.53
C ASN B 180 5.46 2.69 -2.23
N LEU B 181 6.43 1.97 -2.80
CA LEU B 181 6.67 0.58 -2.45
C LEU B 181 7.44 0.43 -1.15
N THR B 182 7.70 1.54 -0.46
CA THR B 182 8.41 1.55 0.80
C THR B 182 7.52 1.12 1.96
N ILE B 183 6.20 1.04 1.73
CA ILE B 183 5.27 0.58 2.75
C ILE B 183 5.43 -0.91 3.02
N PHE B 184 5.93 -1.66 2.06
CA PHE B 184 6.13 -3.09 2.22
C PHE B 184 7.44 -3.35 2.96
N PRO B 185 7.63 -4.58 3.47
CA PRO B 185 8.94 -4.94 4.03
C PRO B 185 10.01 -4.91 2.94
N HIS B 186 11.07 -4.16 3.19
CA HIS B 186 12.01 -3.81 2.14
C HIS B 186 13.34 -3.41 2.79
N GLN B 187 14.40 -3.44 1.99
CA GLN B 187 15.63 -2.77 2.34
C GLN B 187 16.18 -2.06 1.11
N TRP B 188 17.25 -1.31 1.31
CA TRP B 188 18.01 -0.66 0.26
C TRP B 188 19.42 -1.24 0.22
N ILE B 189 19.95 -1.43 -0.98
CA ILE B 189 21.36 -1.72 -1.16
C ILE B 189 22.00 -0.44 -1.69
N ASN B 190 22.53 0.38 -0.78
CA ASN B 190 23.32 1.55 -1.16
C ASN B 190 24.77 1.11 -1.22
N LEU B 191 25.39 1.26 -2.38
CA LEU B 191 26.69 0.64 -2.61
C LEU B 191 27.80 1.28 -1.78
N ARG B 192 27.56 2.47 -1.21
CA ARG B 192 28.53 3.02 -0.29
C ARG B 192 28.38 2.49 1.13
N THR B 193 27.20 1.98 1.49
CA THR B 193 26.94 1.51 2.84
C THR B 193 26.97 -0.01 2.95
N ASN B 194 26.07 -0.70 2.25
CA ASN B 194 25.93 -2.14 2.36
C ASN B 194 25.96 -2.78 0.98
N ASN B 195 26.27 -4.08 0.96
CA ASN B 195 26.27 -4.86 -0.27
C ASN B 195 25.29 -6.04 -0.20
N SER B 196 24.35 -6.02 0.73
CA SER B 196 23.37 -7.08 0.85
C SER B 196 22.14 -6.55 1.57
N ALA B 197 21.01 -7.22 1.37
CA ALA B 197 19.75 -6.86 2.00
C ALA B 197 19.00 -8.13 2.32
N THR B 198 18.72 -8.36 3.61
CA THR B 198 18.07 -9.57 4.07
C THR B 198 16.69 -9.22 4.61
N ILE B 199 15.66 -9.86 4.06
CA ILE B 199 14.28 -9.65 4.47
C ILE B 199 13.69 -10.99 4.88
N VAL B 200 13.10 -11.04 6.07
CA VAL B 200 12.42 -12.23 6.57
C VAL B 200 10.93 -12.01 6.42
N ILE B 201 10.24 -12.94 5.74
CA ILE B 201 8.83 -12.78 5.43
C ILE B 201 8.02 -13.89 6.07
N PRO B 202 7.22 -13.62 7.09
CA PRO B 202 6.33 -14.66 7.63
C PRO B 202 5.29 -15.04 6.60
N TYR B 203 4.59 -16.14 6.87
CA TYR B 203 3.58 -16.59 5.92
C TYR B 203 2.42 -15.61 5.93
N ILE B 204 2.29 -14.84 4.85
CA ILE B 204 1.25 -13.82 4.73
C ILE B 204 0.25 -14.30 3.69
N ASN B 205 -0.96 -14.62 4.15
CA ASN B 205 -2.04 -15.01 3.26
C ASN B 205 -3.34 -14.96 4.05
N SER B 206 -4.45 -14.90 3.33
CA SER B 206 -5.77 -14.90 3.94
C SER B 206 -6.20 -16.28 4.39
N VAL B 207 -5.37 -17.29 4.18
CA VAL B 207 -5.74 -18.69 4.36
C VAL B 207 -4.58 -19.37 5.09
N PRO B 208 -4.81 -20.38 5.93
CA PRO B 208 -3.69 -20.94 6.70
C PRO B 208 -2.69 -21.70 5.86
N MET B 209 -3.14 -22.49 4.88
CA MET B 209 -2.27 -23.11 3.91
C MET B 209 -2.83 -22.86 2.51
N ASP B 210 -1.94 -22.72 1.54
CA ASP B 210 -2.36 -22.46 0.17
C ASP B 210 -1.46 -23.23 -0.78
N ASN B 211 -2.00 -23.52 -1.96
CA ASN B 211 -1.21 -24.20 -2.98
C ASN B 211 -0.11 -23.30 -3.50
N MET B 212 1.07 -23.88 -3.73
CA MET B 212 2.25 -23.11 -4.09
C MET B 212 2.39 -22.86 -5.58
N PHE B 213 1.66 -23.60 -6.43
CA PHE B 213 1.81 -23.43 -7.87
C PHE B 213 0.90 -22.34 -8.43
N ARG B 214 -0.41 -22.46 -8.20
CA ARG B 214 -1.34 -21.52 -8.81
C ARG B 214 -1.41 -20.19 -8.07
N HIS B 215 -0.67 -20.02 -6.97
CA HIS B 215 -0.78 -18.82 -6.16
C HIS B 215 0.62 -18.32 -5.80
N TYR B 216 0.85 -17.03 -6.01
CA TYR B 216 2.14 -16.40 -5.77
C TYR B 216 1.99 -15.53 -4.54
N ASN B 217 2.56 -15.98 -3.42
CA ASN B 217 2.31 -15.30 -2.15
C ASN B 217 2.94 -13.91 -2.13
N PHE B 218 4.12 -13.77 -2.72
CA PHE B 218 4.79 -12.48 -2.79
C PHE B 218 5.70 -12.47 -4.01
N THR B 219 6.06 -11.26 -4.43
CA THR B 219 7.06 -11.09 -5.48
C THR B 219 8.19 -10.23 -4.95
N LEU B 220 9.40 -10.49 -5.44
CA LEU B 220 10.59 -9.78 -5.02
C LEU B 220 11.00 -8.81 -6.12
N MET B 221 10.82 -7.52 -5.85
CA MET B 221 11.12 -6.47 -6.81
C MET B 221 12.43 -5.79 -6.42
N ILE B 222 13.38 -5.75 -7.35
CA ILE B 222 14.65 -5.08 -7.15
C ILE B 222 14.74 -3.95 -8.17
N ILE B 223 14.66 -2.71 -7.70
CA ILE B 223 14.51 -1.56 -8.58
C ILE B 223 15.59 -0.54 -8.26
N PRO B 224 16.53 -0.29 -9.17
CA PRO B 224 17.55 0.75 -8.93
C PRO B 224 17.00 2.16 -9.05
N PHE B 225 16.81 2.83 -7.91
CA PHE B 225 16.39 4.22 -7.92
C PHE B 225 17.51 5.15 -8.36
N ALA B 226 18.69 4.97 -7.79
CA ALA B 226 19.89 5.62 -8.31
C ALA B 226 20.61 4.62 -9.20
N PRO B 227 20.81 4.91 -10.48
CA PRO B 227 21.37 3.90 -11.38
C PRO B 227 22.85 3.67 -11.10
N LEU B 228 23.35 2.55 -11.63
CA LEU B 228 24.75 2.22 -11.45
C LEU B 228 25.61 3.17 -12.27
N ASN B 229 26.70 3.64 -11.66
CA ASN B 229 27.59 4.56 -12.35
C ASN B 229 29.02 4.31 -11.89
N PHE B 230 29.94 4.38 -12.83
CA PHE B 230 31.36 4.14 -12.59
C PHE B 230 32.13 4.68 -13.78
N THR B 231 33.37 5.10 -13.52
CA THR B 231 34.24 5.60 -14.58
C THR B 231 34.91 4.42 -15.27
N ASP B 232 35.82 4.71 -16.20
CA ASP B 232 36.52 3.66 -16.92
C ASP B 232 37.58 3.05 -16.03
N GLY B 233 37.72 1.72 -16.11
CA GLY B 233 38.66 0.96 -15.30
C GLY B 233 38.00 0.12 -14.23
N ALA B 234 36.88 0.58 -13.70
CA ALA B 234 36.14 -0.21 -12.74
C ALA B 234 35.45 -1.39 -13.46
N THR B 235 35.10 -2.41 -12.68
CA THR B 235 34.52 -3.61 -13.27
C THR B 235 33.11 -3.31 -13.75
N ALA B 236 32.85 -3.56 -15.03
CA ALA B 236 31.53 -3.26 -15.59
C ALA B 236 30.50 -4.31 -15.19
N TYR B 237 30.92 -5.55 -15.01
CA TYR B 237 29.99 -6.63 -14.68
C TYR B 237 29.74 -6.63 -13.18
N VAL B 238 28.62 -6.06 -12.76
CA VAL B 238 28.21 -6.02 -11.37
C VAL B 238 26.92 -6.83 -11.24
N PRO B 239 26.99 -8.09 -10.83
CA PRO B 239 25.80 -8.94 -10.75
C PRO B 239 25.08 -8.84 -9.42
N ILE B 240 23.77 -9.07 -9.49
CA ILE B 240 22.90 -9.10 -8.32
C ILE B 240 22.44 -10.53 -8.12
N THR B 241 22.72 -11.09 -6.94
CA THR B 241 22.40 -12.47 -6.63
C THR B 241 21.34 -12.53 -5.54
N VAL B 242 20.33 -13.37 -5.75
CA VAL B 242 19.24 -13.55 -4.81
C VAL B 242 19.38 -14.93 -4.18
N THR B 243 19.40 -14.98 -2.85
CA THR B 243 19.58 -16.21 -2.09
C THR B 243 18.40 -16.33 -1.13
N ILE B 244 17.37 -17.08 -1.54
CA ILE B 244 16.13 -17.19 -0.79
C ILE B 244 16.09 -18.55 -0.10
N ALA B 245 15.70 -18.54 1.17
CA ALA B 245 15.66 -19.75 1.99
C ALA B 245 14.30 -19.80 2.68
N PRO B 246 13.45 -20.77 2.37
CA PRO B 246 12.19 -20.90 3.12
C PRO B 246 12.48 -21.29 4.56
N MET B 247 11.57 -20.91 5.44
CA MET B 247 11.71 -21.25 6.86
C MET B 247 10.39 -21.77 7.39
N TYR B 248 10.47 -22.79 8.25
CA TYR B 248 9.30 -23.39 8.88
C TYR B 248 8.31 -23.88 7.82
N ALA B 249 8.84 -24.43 6.74
CA ALA B 249 8.00 -24.92 5.66
C ALA B 249 7.34 -26.23 6.06
N GLU B 250 6.04 -26.33 5.81
CA GLU B 250 5.29 -27.55 6.11
C GLU B 250 4.26 -27.77 5.02
N TYR B 251 3.95 -29.04 4.78
CA TYR B 251 3.18 -29.47 3.62
C TYR B 251 2.02 -30.34 4.05
N ASN B 252 0.95 -30.34 3.26
CA ASN B 252 -0.21 -31.16 3.57
C ASN B 252 -0.89 -31.57 2.28
N GLY B 253 -1.45 -32.77 2.27
CA GLY B 253 -2.18 -33.26 1.11
C GLY B 253 -1.37 -34.02 0.09
N LEU B 254 -0.77 -35.13 0.50
CA LEU B 254 0.00 -35.96 -0.43
C LEU B 254 -0.88 -36.49 -1.56
N ARG B 255 -0.30 -36.54 -2.75
CA ARG B 255 -0.96 -37.06 -3.94
C ARG B 255 0.12 -37.36 -4.97
N LEU B 256 -0.32 -37.80 -6.16
CA LEU B 256 0.62 -38.03 -7.25
C LEU B 256 1.24 -36.71 -7.68
N ALA B 257 2.45 -36.80 -8.24
CA ALA B 257 3.20 -35.61 -8.60
C ALA B 257 2.51 -34.87 -9.74
N SER B 258 2.43 -33.54 -9.62
CA SER B 258 1.88 -32.71 -10.67
C SER B 258 2.96 -32.40 -11.70
N THR B 259 2.57 -32.35 -12.97
CA THR B 259 3.52 -32.17 -14.07
C THR B 259 3.65 -30.68 -14.40
N GLN B 260 4.33 -29.98 -13.51
CA GLN B 260 4.60 -28.55 -13.68
C GLN B 260 5.70 -28.07 -12.75
N GLY C 1 -49.90 1.85 21.92
CA GLY C 1 -48.88 1.58 22.93
C GLY C 1 -48.26 2.83 23.52
N VAL C 2 -46.94 2.86 23.60
CA VAL C 2 -46.24 4.00 24.18
C VAL C 2 -46.27 5.16 23.19
N PRO C 3 -46.68 6.35 23.61
CA PRO C 3 -46.77 7.47 22.66
C PRO C 3 -45.39 7.98 22.28
N VAL C 4 -45.14 8.06 20.97
CA VAL C 4 -43.85 8.49 20.44
C VAL C 4 -44.06 9.72 19.57
N LEU C 5 -42.95 10.40 19.27
CA LEU C 5 -42.98 11.63 18.50
C LEU C 5 -41.85 11.56 17.47
N ASN C 6 -42.20 11.68 16.20
CA ASN C 6 -41.21 11.59 15.13
C ASN C 6 -40.55 12.95 14.93
N THR C 7 -39.25 13.01 15.20
CA THR C 7 -38.47 14.23 15.09
C THR C 7 -37.98 14.40 13.66
N PRO C 8 -37.44 15.58 13.33
CA PRO C 8 -36.76 15.72 12.04
C PRO C 8 -35.58 14.76 11.95
N GLY C 9 -35.23 14.39 10.73
CA GLY C 9 -34.22 13.37 10.52
C GLY C 9 -34.74 11.96 10.48
N SER C 10 -36.05 11.76 10.59
CA SER C 10 -36.64 10.43 10.46
C SER C 10 -36.71 10.03 9.00
N ASN C 11 -36.56 8.73 8.75
CA ASN C 11 -36.72 8.15 7.42
C ASN C 11 -35.73 8.75 6.42
N GLN C 12 -34.59 9.21 6.90
CA GLN C 12 -33.51 9.69 6.04
C GLN C 12 -32.43 8.63 5.95
N PHE C 13 -31.49 8.83 5.04
CA PHE C 13 -30.30 7.99 4.95
C PHE C 13 -29.07 8.89 5.00
N LEU C 14 -28.55 9.10 6.20
CA LEU C 14 -27.24 9.72 6.37
C LEU C 14 -26.16 8.66 6.19
N THR C 15 -25.21 8.92 5.30
CA THR C 15 -24.25 7.89 4.94
C THR C 15 -23.28 7.60 6.08
N SER C 16 -22.91 8.62 6.83
CA SER C 16 -22.01 8.47 7.98
C SER C 16 -22.84 8.49 9.25
N ASP C 17 -23.52 7.37 9.50
CA ASP C 17 -24.30 7.20 10.71
C ASP C 17 -23.85 5.92 11.41
N ASP C 18 -24.33 5.74 12.63
CA ASP C 18 -23.98 4.58 13.45
C ASP C 18 -25.28 4.02 14.01
N TYR C 19 -25.95 3.18 13.24
CA TYR C 19 -27.19 2.55 13.65
C TYR C 19 -27.08 1.04 13.54
N GLN C 20 -27.92 0.36 14.31
CA GLN C 20 -28.05 -1.09 14.23
C GLN C 20 -29.11 -1.42 13.19
N SER C 21 -28.88 -2.51 12.47
CA SER C 21 -29.73 -2.91 11.36
C SER C 21 -29.95 -4.41 11.42
N PRO C 22 -31.11 -4.91 10.98
CA PRO C 22 -31.38 -6.34 11.10
C PRO C 22 -30.49 -7.16 10.19
N SER C 23 -29.95 -8.26 10.74
CA SER C 23 -29.05 -9.10 9.98
C SER C 23 -29.81 -9.89 8.92
N ALA C 24 -29.26 -9.92 7.71
CA ALA C 24 -29.88 -10.69 6.63
C ALA C 24 -29.66 -12.18 6.79
N MET C 25 -28.62 -12.59 7.53
CA MET C 25 -28.25 -13.99 7.67
C MET C 25 -28.11 -14.28 9.15
N PRO C 26 -29.21 -14.61 9.82
CA PRO C 26 -29.16 -14.79 11.28
C PRO C 26 -28.46 -16.08 11.68
N GLN C 27 -27.81 -16.03 12.84
CA GLN C 27 -27.05 -17.16 13.39
C GLN C 27 -26.01 -17.66 12.39
N PHE C 28 -25.32 -16.72 11.75
CA PHE C 28 -24.28 -17.04 10.78
C PHE C 28 -22.99 -17.39 11.52
N ASP C 29 -22.36 -18.48 11.11
CA ASP C 29 -21.11 -18.93 11.73
C ASP C 29 -19.96 -18.39 10.88
N GLU C 30 -19.32 -17.34 11.37
CA GLU C 30 -18.24 -16.73 10.61
C GLU C 30 -17.01 -17.64 10.62
N THR C 31 -16.11 -17.39 9.68
CA THR C 31 -14.87 -18.14 9.61
C THR C 31 -14.01 -17.78 10.83
N PRO C 32 -13.40 -18.77 11.48
CA PRO C 32 -12.63 -18.47 12.70
C PRO C 32 -11.51 -17.47 12.43
N GLU C 33 -11.28 -16.59 13.41
CA GLU C 33 -10.25 -15.58 13.24
C GLU C 33 -8.86 -16.20 13.26
N MET C 34 -8.01 -15.73 12.34
CA MET C 34 -6.65 -16.21 12.22
C MET C 34 -5.71 -15.02 12.27
N HIS C 35 -4.48 -15.26 12.70
CA HIS C 35 -3.48 -14.20 12.85
C HIS C 35 -2.75 -14.03 11.52
N ILE C 36 -3.02 -12.93 10.83
CA ILE C 36 -2.33 -12.55 9.61
C ILE C 36 -1.29 -11.49 9.97
N PRO C 37 -0.04 -11.62 9.50
CA PRO C 37 0.99 -10.65 9.91
C PRO C 37 0.73 -9.28 9.32
N GLY C 38 0.93 -8.25 10.14
CA GLY C 38 0.89 -6.89 9.65
C GLY C 38 -0.47 -6.24 9.69
N GLU C 39 -1.14 -6.27 10.84
CA GLU C 39 -2.45 -5.66 10.96
C GLU C 39 -2.30 -4.15 11.16
N VAL C 40 -2.97 -3.37 10.32
CA VAL C 40 -3.02 -1.93 10.43
C VAL C 40 -4.34 -1.53 11.07
N ARG C 41 -4.26 -0.78 12.16
CA ARG C 41 -5.44 -0.32 12.88
C ARG C 41 -5.66 1.17 12.76
N ASN C 42 -4.73 1.89 12.15
CA ASN C 42 -4.79 3.34 12.02
C ASN C 42 -4.01 3.74 10.78
N LEU C 43 -4.56 4.67 10.01
CA LEU C 43 -3.90 5.09 8.78
C LEU C 43 -2.69 5.97 9.02
N MET C 44 -2.52 6.48 10.23
CA MET C 44 -1.29 7.20 10.56
C MET C 44 -0.15 6.26 10.92
N GLU C 45 -0.41 4.95 10.98
CA GLU C 45 0.67 3.98 11.00
C GLU C 45 1.36 3.89 9.65
N ILE C 46 0.59 4.03 8.58
CA ILE C 46 1.11 3.84 7.23
C ILE C 46 1.32 5.18 6.52
N ALA C 47 1.12 6.29 7.23
CA ALA C 47 1.62 7.59 6.79
C ALA C 47 2.93 7.97 7.44
N GLU C 48 3.31 7.28 8.52
CA GLU C 48 4.58 7.49 9.20
C GLU C 48 5.69 6.61 8.64
N VAL C 49 5.42 5.87 7.58
CA VAL C 49 6.43 5.07 6.89
C VAL C 49 7.01 5.94 5.79
N ASP C 50 8.33 5.85 5.60
CA ASP C 50 8.99 6.64 4.58
C ASP C 50 8.47 6.28 3.20
N SER C 51 8.74 7.17 2.25
CA SER C 51 8.36 6.98 0.85
C SER C 51 9.17 7.95 0.02
N VAL C 52 9.67 7.48 -1.13
CA VAL C 52 10.58 8.29 -1.90
C VAL C 52 9.81 9.43 -2.55
N VAL C 53 10.39 10.62 -2.50
CA VAL C 53 9.69 11.85 -2.88
C VAL C 53 10.15 12.26 -4.27
N PRO C 54 9.24 12.39 -5.24
CA PRO C 54 9.66 12.81 -6.58
C PRO C 54 9.98 14.30 -6.64
N VAL C 55 11.18 14.67 -6.16
CA VAL C 55 11.54 16.08 -6.10
C VAL C 55 11.87 16.61 -7.49
N ASN C 56 12.54 15.81 -8.31
CA ASN C 56 12.91 16.21 -9.67
C ASN C 56 11.78 15.88 -10.66
N ASN C 57 10.58 16.35 -10.37
CA ASN C 57 9.44 16.11 -11.25
C ASN C 57 9.30 17.22 -12.29
N VAL C 58 10.38 17.50 -13.01
CA VAL C 58 10.34 18.52 -14.06
C VAL C 58 9.66 17.91 -15.28
N THR C 59 9.33 18.76 -16.26
CA THR C 59 8.61 18.31 -17.44
C THR C 59 9.49 17.37 -18.27
N GLY C 60 9.06 16.13 -18.43
CA GLY C 60 9.82 15.14 -19.16
C GLY C 60 10.52 14.10 -18.32
N LYS C 61 10.45 14.20 -16.99
CA LYS C 61 11.08 13.24 -16.10
C LYS C 61 10.10 12.56 -15.14
N THR C 62 8.82 12.90 -15.21
CA THR C 62 7.87 12.36 -14.23
C THR C 62 7.54 10.90 -14.52
N LYS C 63 7.31 10.57 -15.79
CA LYS C 63 7.00 9.19 -16.19
C LYS C 63 8.30 8.46 -16.48
N SER C 64 9.11 8.33 -15.44
CA SER C 64 10.43 7.73 -15.51
C SER C 64 10.90 7.50 -14.07
N MET C 65 12.18 7.16 -13.92
CA MET C 65 12.78 7.01 -12.60
C MET C 65 13.56 8.24 -12.17
N ASP C 66 13.91 9.13 -13.11
CA ASP C 66 14.67 10.33 -12.82
C ASP C 66 13.88 11.37 -12.01
N ALA C 67 12.60 11.12 -11.74
CA ALA C 67 11.83 12.05 -10.92
C ALA C 67 12.26 11.99 -9.45
N TYR C 68 12.73 10.83 -8.99
CA TYR C 68 13.02 10.66 -7.57
C TYR C 68 14.41 11.16 -7.19
N GLN C 69 15.38 11.05 -8.10
CA GLN C 69 16.77 11.34 -7.78
C GLN C 69 17.09 12.82 -8.01
N ILE C 70 17.80 13.41 -7.07
CA ILE C 70 18.09 14.84 -7.05
C ILE C 70 19.53 15.02 -7.54
N PRO C 71 19.76 15.70 -8.67
CA PRO C 71 21.11 15.80 -9.21
C PRO C 71 22.01 16.67 -8.35
N VAL C 72 23.09 16.09 -7.85
CA VAL C 72 24.08 16.80 -7.04
C VAL C 72 25.45 16.53 -7.66
N GLY C 73 26.16 17.59 -8.02
CA GLY C 73 27.39 17.48 -8.76
C GLY C 73 28.58 18.12 -8.06
N THR C 74 29.73 17.98 -8.70
CA THR C 74 30.99 18.56 -8.23
C THR C 74 31.49 19.51 -9.29
N GLY C 75 31.52 20.80 -8.97
CA GLY C 75 31.92 21.78 -9.97
C GLY C 75 32.19 23.12 -9.34
N ASN C 76 32.51 24.09 -10.19
CA ASN C 76 32.73 25.46 -9.75
C ASN C 76 31.53 26.37 -10.02
N THR C 77 30.64 25.99 -10.93
CA THR C 77 29.50 26.81 -11.30
C THR C 77 28.26 26.46 -10.48
N ASP C 78 27.45 27.48 -10.21
CA ASP C 78 26.11 27.31 -9.62
C ASP C 78 26.19 26.65 -8.25
N LYS C 79 27.11 27.14 -7.42
CA LYS C 79 27.16 26.74 -6.01
C LYS C 79 26.51 27.76 -5.10
N THR C 80 25.96 28.83 -5.66
CA THR C 80 25.13 29.79 -4.93
C THR C 80 23.69 29.72 -5.40
N LYS C 81 23.29 28.58 -5.98
CA LYS C 81 21.96 28.29 -6.47
C LYS C 81 21.40 27.11 -5.68
N PRO C 82 20.09 27.08 -5.43
CA PRO C 82 19.53 25.98 -4.64
C PRO C 82 19.69 24.65 -5.37
N ILE C 83 19.75 23.57 -4.61
CA ILE C 83 19.71 22.24 -5.21
C ILE C 83 18.27 21.87 -5.54
N PHE C 84 17.36 22.05 -4.59
CA PHE C 84 15.93 21.95 -4.86
C PHE C 84 15.20 22.96 -3.99
N SER C 85 13.88 23.05 -4.21
CA SER C 85 13.00 23.95 -3.47
C SER C 85 11.55 23.57 -3.76
N PHE C 86 10.73 23.43 -2.72
CA PHE C 86 9.33 23.07 -2.93
C PHE C 86 8.50 23.46 -1.71
N GLN C 87 7.20 23.46 -1.91
CA GLN C 87 6.25 23.74 -0.83
C GLN C 87 6.28 22.65 0.24
N MET C 88 6.09 23.05 1.48
CA MET C 88 6.13 22.11 2.59
C MET C 88 4.78 21.44 2.87
N ASP C 89 3.70 21.96 2.30
CA ASP C 89 2.38 21.40 2.60
C ASP C 89 2.16 20.15 1.77
N PRO C 90 2.01 18.97 2.39
CA PRO C 90 2.03 17.71 1.64
C PRO C 90 0.73 17.37 0.92
N GLY C 91 -0.23 18.28 0.85
CA GLY C 91 -1.48 17.97 0.19
C GLY C 91 -1.54 18.42 -1.25
N TYR C 92 -1.24 19.70 -1.50
CA TYR C 92 -1.32 20.28 -2.83
C TYR C 92 0.03 20.46 -3.50
N SER C 93 1.12 20.28 -2.77
CA SER C 93 2.43 20.54 -3.36
C SER C 93 2.73 19.51 -4.45
N SER C 94 3.19 19.99 -5.60
CA SER C 94 3.38 19.15 -6.76
C SER C 94 4.55 18.18 -6.61
N VAL C 95 5.19 18.16 -5.46
CA VAL C 95 6.31 17.25 -5.20
C VAL C 95 5.89 16.09 -4.30
N LEU C 96 5.26 16.40 -3.16
CA LEU C 96 4.94 15.39 -2.15
C LEU C 96 3.44 15.24 -1.94
N LYS C 97 2.63 15.51 -2.97
CA LYS C 97 1.22 15.15 -2.89
C LYS C 97 0.99 13.67 -3.17
N ARG C 98 1.94 13.01 -3.83
CA ARG C 98 1.79 11.61 -4.21
C ARG C 98 2.46 10.64 -3.25
N THR C 99 3.27 11.12 -2.30
CA THR C 99 3.91 10.23 -1.36
C THR C 99 2.88 9.52 -0.49
N LEU C 100 3.34 8.52 0.26
CA LEU C 100 2.44 7.84 1.19
C LEU C 100 1.91 8.81 2.24
N LEU C 101 2.70 9.82 2.60
CA LEU C 101 2.22 10.89 3.46
C LEU C 101 1.13 11.70 2.76
N GLY C 102 1.27 11.93 1.46
CA GLY C 102 0.33 12.76 0.74
C GLY C 102 -0.87 12.00 0.22
N GLU C 103 -0.72 10.68 0.02
CA GLU C 103 -1.84 9.87 -0.41
C GLU C 103 -2.86 9.68 0.72
N MET C 104 -2.39 9.46 1.94
CA MET C 104 -3.29 9.30 3.07
C MET C 104 -3.76 10.63 3.62
N LEU C 105 -3.14 11.73 3.20
CA LEU C 105 -3.48 13.06 3.66
C LEU C 105 -4.58 13.70 2.81
N ASN C 106 -4.73 13.24 1.56
CA ASN C 106 -5.72 13.77 0.65
C ASN C 106 -7.12 13.18 0.86
N TYR C 107 -7.26 12.19 1.73
CA TYR C 107 -8.58 11.77 2.20
C TYR C 107 -9.09 12.65 3.33
N TYR C 108 -8.34 13.68 3.70
CA TYR C 108 -8.66 14.49 4.86
C TYR C 108 -8.58 15.97 4.47
N ALA C 109 -9.29 16.79 5.24
CA ALA C 109 -9.33 18.22 4.98
C ALA C 109 -8.38 19.00 5.87
N HIS C 110 -8.12 18.52 7.08
CA HIS C 110 -7.27 19.20 8.04
C HIS C 110 -6.14 18.27 8.44
N TRP C 111 -4.98 18.84 8.77
CA TRP C 111 -3.87 18.02 9.22
C TRP C 111 -3.03 18.81 10.21
N SER C 112 -2.43 18.10 11.15
CA SER C 112 -1.60 18.69 12.18
C SER C 112 -0.40 17.78 12.42
N GLY C 113 0.68 18.39 12.89
CA GLY C 113 1.84 17.65 13.33
C GLY C 113 3.06 17.96 12.49
N SER C 114 4.17 17.36 12.89
CA SER C 114 5.45 17.56 12.24
C SER C 114 5.69 16.49 11.19
N VAL C 115 6.15 16.92 10.02
CA VAL C 115 6.64 16.01 9.01
C VAL C 115 8.16 16.06 9.05
N LYS C 116 8.80 14.99 8.60
CA LYS C 116 10.25 14.93 8.58
C LYS C 116 10.71 14.41 7.22
N LEU C 117 11.78 15.01 6.72
CA LEU C 117 12.33 14.70 5.40
C LEU C 117 13.66 14.00 5.59
N THR C 118 13.77 12.78 5.08
CA THR C 118 14.98 11.99 5.20
C THR C 118 15.67 11.97 3.84
N PHE C 119 16.99 12.22 3.85
CA PHE C 119 17.77 12.36 2.62
C PHE C 119 18.82 11.28 2.57
N LEU C 120 18.66 10.34 1.64
CA LEU C 120 19.64 9.29 1.43
C LEU C 120 20.58 9.71 0.32
N PHE C 121 21.89 9.68 0.60
CA PHE C 121 22.89 10.06 -0.38
C PHE C 121 23.35 8.80 -1.12
N CYS C 122 23.17 8.79 -2.43
CA CYS C 122 23.39 7.60 -3.25
C CYS C 122 24.64 7.74 -4.11
N GLY C 123 25.70 8.33 -3.54
CA GLY C 123 26.96 8.46 -4.23
C GLY C 123 27.90 7.31 -3.88
N SER C 124 29.16 7.51 -4.23
CA SER C 124 30.17 6.51 -3.92
C SER C 124 30.65 6.66 -2.48
N ALA C 125 31.38 5.64 -2.01
CA ALA C 125 31.84 5.63 -0.63
C ALA C 125 33.01 6.59 -0.41
N MET C 126 33.68 6.98 -1.49
CA MET C 126 34.82 7.89 -1.40
C MET C 126 34.41 9.35 -1.53
N ALA C 127 33.26 9.61 -2.15
CA ALA C 127 32.78 10.97 -2.34
C ALA C 127 32.17 11.49 -1.04
N THR C 128 32.68 12.62 -0.57
CA THR C 128 32.19 13.23 0.66
C THR C 128 31.64 14.62 0.36
N GLY C 129 30.81 15.11 1.28
CA GLY C 129 30.25 16.43 1.09
C GLY C 129 29.55 16.92 2.33
N LYS C 130 29.01 18.13 2.22
CA LYS C 130 28.19 18.74 3.25
C LYS C 130 27.07 19.52 2.58
N LEU C 131 25.86 19.38 3.09
CA LEU C 131 24.70 20.03 2.53
C LEU C 131 23.91 20.75 3.61
N LEU C 132 23.30 21.86 3.22
CA LEU C 132 22.44 22.64 4.09
C LEU C 132 21.01 22.49 3.58
N ILE C 133 20.18 21.79 4.35
CA ILE C 133 18.77 21.65 4.05
C ILE C 133 18.02 22.52 5.06
N SER C 134 17.25 23.47 4.56
CA SER C 134 16.64 24.47 5.42
C SER C 134 15.14 24.51 5.21
N TYR C 135 14.43 24.85 6.28
CA TYR C 135 13.01 25.13 6.25
C TYR C 135 12.79 26.55 6.75
N SER C 136 12.04 27.33 5.99
CA SER C 136 11.72 28.72 6.35
C SER C 136 10.22 28.87 6.39
N PRO C 137 9.64 29.27 7.52
CA PRO C 137 8.18 29.43 7.60
C PRO C 137 7.72 30.52 6.66
N PRO C 138 6.41 30.58 6.34
CA PRO C 138 5.93 31.58 5.38
C PRO C 138 6.00 33.00 5.95
N GLY C 139 5.58 33.99 5.16
CA GLY C 139 5.65 35.38 5.53
C GLY C 139 6.61 36.19 4.68
N ALA C 140 7.70 35.57 4.24
CA ALA C 140 8.66 36.17 3.33
C ALA C 140 8.67 35.36 2.04
N SER C 141 9.53 35.77 1.10
CA SER C 141 9.63 35.06 -0.16
C SER C 141 10.45 33.78 0.02
N VAL C 142 10.65 33.05 -1.06
CA VAL C 142 11.56 31.90 -1.03
C VAL C 142 12.98 32.40 -0.79
N PRO C 143 13.78 31.73 0.04
CA PRO C 143 15.19 32.14 0.18
C PRO C 143 15.91 31.97 -1.15
N THR C 144 16.56 33.05 -1.58
CA THR C 144 17.26 33.09 -2.87
C THR C 144 18.77 32.91 -2.73
N SER C 145 19.30 33.02 -1.52
CA SER C 145 20.71 32.80 -1.24
C SER C 145 20.83 31.86 -0.04
N ARG C 146 22.02 31.29 0.13
CA ARG C 146 22.23 30.46 1.31
C ARG C 146 22.27 31.28 2.58
N LYS C 147 22.60 32.57 2.46
CA LYS C 147 22.58 33.46 3.62
C LYS C 147 21.16 33.63 4.15
N ASP C 148 20.19 33.81 3.24
CA ASP C 148 18.81 33.96 3.67
C ASP C 148 18.19 32.66 4.12
N ALA C 149 18.72 31.52 3.67
CA ALA C 149 18.16 30.22 4.01
C ALA C 149 18.68 29.66 5.33
N MET C 150 19.86 30.10 5.77
CA MET C 150 20.39 29.65 7.06
C MET C 150 19.81 30.41 8.23
N LEU C 151 18.81 31.27 7.98
CA LEU C 151 18.06 31.91 9.04
C LEU C 151 16.85 31.09 9.48
N GLY C 152 16.41 30.14 8.66
CA GLY C 152 15.35 29.23 9.03
C GLY C 152 15.87 28.00 9.75
N THR C 153 14.95 27.09 10.05
CA THR C 153 15.31 25.87 10.77
C THR C 153 16.04 24.96 9.80
N HIS C 154 17.37 24.97 9.88
CA HIS C 154 18.19 24.25 8.90
C HIS C 154 18.99 23.16 9.59
N ILE C 155 19.68 22.38 8.76
CA ILE C 155 20.60 21.35 9.22
C ILE C 155 21.76 21.27 8.25
N VAL C 156 22.98 21.29 8.77
CA VAL C 156 24.18 21.07 7.98
C VAL C 156 24.51 19.59 8.08
N TRP C 157 24.42 18.89 6.96
CA TRP C 157 24.50 17.44 6.93
C TRP C 157 25.83 17.00 6.33
N ASP C 158 26.73 16.53 7.21
CA ASP C 158 27.98 15.92 6.77
C ASP C 158 27.70 14.53 6.22
N ILE C 159 28.23 14.24 5.03
CA ILE C 159 28.00 12.98 4.34
C ILE C 159 29.18 12.05 4.60
N GLY C 160 28.91 10.93 5.25
CA GLY C 160 29.95 9.96 5.59
C GLY C 160 29.39 8.56 5.65
N LEU C 161 29.81 7.80 6.69
CA LEU C 161 29.38 6.41 6.82
C LEU C 161 27.88 6.30 7.02
N GLN C 162 27.28 7.21 7.81
CA GLN C 162 25.84 7.13 8.07
C GLN C 162 25.04 7.32 6.79
N SER C 163 25.41 8.31 5.98
CA SER C 163 24.87 8.54 4.64
C SER C 163 23.39 8.86 4.61
N SER C 164 22.78 9.18 5.75
CA SER C 164 21.37 9.56 5.75
C SER C 164 21.14 10.58 6.86
N CYS C 165 20.21 11.50 6.59
CA CYS C 165 19.93 12.59 7.51
C CYS C 165 18.44 12.89 7.50
N VAL C 166 17.92 13.30 8.65
CA VAL C 166 16.50 13.61 8.84
C VAL C 166 16.36 15.08 9.17
N LEU C 167 15.66 15.82 8.31
CA LEU C 167 15.21 17.17 8.62
C LEU C 167 13.78 17.09 9.13
N CYS C 168 13.59 17.30 10.43
CA CYS C 168 12.26 17.33 11.02
C CYS C 168 11.68 18.73 10.89
N VAL C 169 10.67 18.88 10.04
CA VAL C 169 9.95 20.14 9.93
C VAL C 169 9.11 20.32 11.20
N PRO C 170 9.37 21.35 12.00
CA PRO C 170 8.97 21.34 13.41
C PRO C 170 7.55 21.79 13.71
N TRP C 171 6.67 21.90 12.71
CA TRP C 171 5.29 22.35 12.92
C TRP C 171 5.26 23.70 13.64
N ILE C 172 5.67 24.73 12.92
CA ILE C 172 5.49 26.11 13.34
C ILE C 172 4.26 26.63 12.62
N SER C 173 3.11 26.59 13.30
CA SER C 173 1.85 27.04 12.73
C SER C 173 1.16 27.99 13.69
N GLN C 174 0.30 28.83 13.13
CA GLN C 174 -0.51 29.72 13.95
C GLN C 174 -1.64 28.96 14.63
N SER C 175 -2.29 28.06 13.91
CA SER C 175 -3.46 27.33 14.38
C SER C 175 -3.07 25.89 14.71
N HIS C 176 -4.04 25.14 15.22
CA HIS C 176 -3.79 23.76 15.59
C HIS C 176 -3.81 22.82 14.38
N TYR C 177 -4.48 23.20 13.30
CA TYR C 177 -4.56 22.39 12.09
C TYR C 177 -4.30 23.27 10.88
N ARG C 178 -3.95 22.63 9.78
CA ARG C 178 -3.79 23.31 8.50
C ARG C 178 -4.66 22.64 7.45
N MET C 179 -5.03 23.42 6.45
CA MET C 179 -5.84 22.90 5.36
C MET C 179 -4.96 22.07 4.43
N VAL C 180 -5.47 20.91 4.02
CA VAL C 180 -4.75 20.10 3.03
C VAL C 180 -4.77 20.80 1.69
N GLN C 181 -5.89 21.42 1.33
CA GLN C 181 -5.95 22.22 0.12
C GLN C 181 -5.15 23.50 0.29
N GLN C 182 -4.83 24.15 -0.82
CA GLN C 182 -3.96 25.31 -0.81
C GLN C 182 -4.80 26.57 -0.59
N ASP C 183 -4.65 27.17 0.58
CA ASP C 183 -5.24 28.46 0.89
C ASP C 183 -4.20 29.34 1.57
N PRO C 184 -4.30 30.66 1.40
CA PRO C 184 -3.26 31.53 1.96
C PRO C 184 -3.22 31.54 3.48
N TYR C 185 -4.38 31.40 4.15
CA TYR C 185 -4.42 31.55 5.59
C TYR C 185 -3.52 30.53 6.30
N THR C 186 -3.51 29.28 5.82
CA THR C 186 -2.72 28.20 6.43
C THR C 186 -1.86 27.56 5.34
N SER C 187 -0.74 28.19 5.03
CA SER C 187 0.19 27.67 4.03
C SER C 187 1.51 27.39 4.71
N ALA C 188 2.08 26.23 4.40
CA ALA C 188 3.35 25.84 4.99
C ALA C 188 4.50 26.59 4.31
N GLY C 189 5.69 26.45 4.88
CA GLY C 189 6.85 27.18 4.42
C GLY C 189 7.49 26.58 3.19
N TYR C 190 8.82 26.71 3.11
CA TYR C 190 9.58 26.28 1.95
C TYR C 190 10.75 25.40 2.40
N ILE C 191 11.03 24.36 1.62
CA ILE C 191 12.13 23.45 1.92
C ILE C 191 13.15 23.60 0.79
N THR C 192 14.26 24.26 1.09
CA THR C 192 15.33 24.48 0.13
C THR C 192 16.59 23.73 0.58
N CYS C 193 17.40 23.34 -0.40
CA CYS C 193 18.67 22.68 -0.14
C CYS C 193 19.79 23.47 -0.79
N TRP C 194 20.93 23.52 -0.11
CA TRP C 194 22.07 24.30 -0.56
C TRP C 194 23.35 23.52 -0.33
N TYR C 195 24.40 23.94 -1.03
CA TYR C 195 25.71 23.37 -0.83
C TYR C 195 26.35 24.05 0.38
N GLN C 196 26.60 23.29 1.43
CA GLN C 196 27.31 23.86 2.58
C GLN C 196 28.76 24.11 2.20
N THR C 197 29.45 23.06 1.73
CA THR C 197 30.77 23.22 1.12
C THR C 197 30.72 22.80 -0.34
N ASN C 198 30.66 21.51 -0.64
CA ASN C 198 30.72 20.95 -1.98
C ASN C 198 30.68 19.43 -1.83
N ILE C 199 30.56 18.75 -2.96
CA ILE C 199 30.82 17.32 -3.03
C ILE C 199 32.22 17.15 -3.59
N VAL C 200 33.07 16.44 -2.86
CA VAL C 200 34.46 16.23 -3.23
C VAL C 200 34.63 14.75 -3.55
N VAL C 201 35.19 14.46 -4.71
CA VAL C 201 35.25 13.09 -5.20
C VAL C 201 36.69 12.78 -5.63
N PRO C 202 37.15 11.55 -5.47
CA PRO C 202 38.52 11.19 -5.90
C PRO C 202 38.62 11.13 -7.41
N PRO C 203 39.85 11.04 -7.95
CA PRO C 203 40.01 11.11 -9.41
C PRO C 203 39.26 10.04 -10.19
N GLY C 204 39.20 8.81 -9.69
CA GLY C 204 38.57 7.74 -10.44
C GLY C 204 37.10 7.51 -10.21
N ALA C 205 36.50 8.15 -9.22
CA ALA C 205 35.09 7.94 -8.93
C ALA C 205 34.23 8.82 -9.83
N PRO C 206 32.97 8.43 -10.06
CA PRO C 206 32.09 9.26 -10.90
C PRO C 206 31.74 10.56 -10.20
N THR C 207 31.84 11.66 -10.95
CA THR C 207 31.75 13.00 -10.37
C THR C 207 30.33 13.49 -10.21
N SER C 208 29.35 12.82 -10.81
CA SER C 208 27.95 13.21 -10.72
C SER C 208 27.20 12.18 -9.90
N CYS C 209 26.80 12.57 -8.69
CA CYS C 209 26.05 11.74 -7.78
C CYS C 209 24.63 12.28 -7.68
N ASP C 210 23.83 11.68 -6.80
CA ASP C 210 22.48 12.20 -6.60
C ASP C 210 21.96 11.81 -5.22
N VAL C 211 21.18 12.73 -4.64
CA VAL C 211 20.56 12.53 -3.34
C VAL C 211 19.15 12.02 -3.56
N LEU C 212 18.73 11.06 -2.74
CA LEU C 212 17.41 10.48 -2.81
C LEU C 212 16.64 10.92 -1.56
N CYS C 213 15.43 11.43 -1.76
CA CYS C 213 14.67 12.06 -0.70
C CYS C 213 13.55 11.17 -0.19
N PHE C 214 13.22 11.35 1.08
CA PHE C 214 12.16 10.62 1.74
C PHE C 214 11.31 11.61 2.52
N ALA C 215 10.10 11.18 2.88
CA ALA C 215 9.21 12.03 3.68
C ALA C 215 8.23 11.14 4.42
N SER C 216 8.04 11.41 5.71
CA SER C 216 7.08 10.69 6.52
C SER C 216 6.60 11.61 7.64
N ALA C 217 5.67 11.11 8.42
CA ALA C 217 5.10 11.86 9.53
C ALA C 217 5.84 11.52 10.82
N CYS C 218 5.66 12.38 11.82
CA CYS C 218 6.22 12.15 13.14
C CYS C 218 5.16 11.49 14.01
N ASN C 219 5.45 11.33 15.30
CA ASN C 219 4.53 10.66 16.21
C ASN C 219 3.39 11.56 16.68
N ASP C 220 3.50 12.88 16.46
CA ASP C 220 2.46 13.83 16.83
C ASP C 220 1.61 14.25 15.64
N PHE C 221 1.62 13.47 14.57
CA PHE C 221 0.91 13.80 13.34
C PHE C 221 -0.51 13.26 13.38
N SER C 222 -1.46 14.07 12.91
CA SER C 222 -2.84 13.64 12.89
C SER C 222 -3.59 14.35 11.77
N VAL C 223 -4.62 13.67 11.26
CA VAL C 223 -5.50 14.17 10.21
C VAL C 223 -6.90 14.24 10.81
N ARG C 224 -7.74 15.12 10.27
CA ARG C 224 -8.85 15.54 11.11
C ARG C 224 -10.23 15.51 10.45
N LEU C 225 -10.35 15.79 9.16
CA LEU C 225 -11.68 15.95 8.55
C LEU C 225 -11.76 15.15 7.24
N LEU C 226 -12.49 14.02 7.30
CA LEU C 226 -12.60 13.11 6.15
C LEU C 226 -13.25 13.78 4.94
N ARG C 227 -12.66 13.53 3.78
CA ARG C 227 -13.23 13.94 2.50
C ARG C 227 -12.79 12.93 1.45
N ASP C 228 -13.32 13.10 0.24
CA ASP C 228 -12.93 12.23 -0.87
C ASP C 228 -11.63 12.71 -1.51
N THR C 229 -10.88 11.77 -2.06
CA THR C 229 -9.65 12.13 -2.74
C THR C 229 -9.97 12.64 -4.15
N PRO C 230 -9.22 13.64 -4.63
CA PRO C 230 -9.45 14.14 -5.99
C PRO C 230 -8.70 13.37 -7.08
N PHE C 231 -7.83 12.43 -6.71
CA PHE C 231 -6.96 11.77 -7.68
C PHE C 231 -7.72 10.82 -8.62
N MET C 232 -8.70 10.07 -8.12
CA MET C 232 -9.22 8.95 -8.89
C MET C 232 -9.88 9.40 -10.19
N ALA C 233 -10.80 10.36 -10.11
CA ALA C 233 -11.39 11.00 -11.28
C ALA C 233 -11.93 9.98 -12.29
N GLN C 234 -12.92 9.21 -11.85
CA GLN C 234 -13.57 8.24 -12.73
C GLN C 234 -14.25 8.95 -13.91
N PRO C 235 -14.05 8.48 -15.14
CA PRO C 235 -14.73 9.11 -16.28
C PRO C 235 -16.10 8.51 -16.57
N GLY C 236 -16.25 7.21 -16.40
CA GLY C 236 -17.51 6.56 -16.71
C GLY C 236 -17.50 5.10 -16.31
N LYS C 237 -18.45 4.36 -16.88
CA LYS C 237 -18.53 2.92 -16.64
C LYS C 237 -17.20 2.25 -16.94
N LEU C 238 -16.82 1.29 -16.11
CA LEU C 238 -15.53 0.63 -16.30
C LEU C 238 -15.65 -0.45 -17.38
N ASN D 31 -27.62 -3.21 22.39
CA ASN D 31 -27.70 -4.35 21.49
C ASN D 31 -29.12 -4.89 21.40
N PHE D 32 -29.83 -4.53 20.33
CA PHE D 32 -31.21 -4.95 20.13
C PHE D 32 -31.33 -6.18 19.23
N TYR D 33 -30.22 -6.72 18.75
CA TYR D 33 -30.23 -7.93 17.93
C TYR D 33 -29.24 -8.93 18.47
N LYS D 34 -29.56 -10.21 18.23
CA LYS D 34 -28.71 -11.30 18.68
C LYS D 34 -27.45 -11.42 17.83
N ASP D 35 -27.56 -11.20 16.53
CA ASP D 35 -26.43 -11.37 15.63
C ASP D 35 -25.37 -10.29 15.87
N ALA D 36 -24.10 -10.69 15.78
CA ALA D 36 -23.00 -9.76 16.02
C ALA D 36 -22.73 -8.85 14.83
N ALA D 37 -23.03 -9.32 13.61
CA ALA D 37 -22.89 -8.48 12.43
C ALA D 37 -23.98 -7.41 12.39
N SER D 38 -25.09 -7.65 13.08
CA SER D 38 -26.18 -6.68 13.16
C SER D 38 -25.99 -5.80 14.39
N SER D 39 -24.91 -5.02 14.36
CA SER D 39 -24.52 -4.21 15.51
C SER D 39 -23.94 -2.89 15.02
N ALA D 40 -23.77 -1.96 15.95
CA ALA D 40 -23.19 -0.67 15.64
C ALA D 40 -21.71 -0.81 15.35
N SER D 41 -21.18 0.12 14.54
CA SER D 41 -19.75 0.13 14.26
C SER D 41 -18.97 0.56 15.50
N ASN D 42 -17.92 -0.19 15.82
CA ASN D 42 -17.10 0.08 17.00
C ASN D 42 -16.07 1.16 16.66
N ARG D 43 -16.60 2.37 16.44
CA ARG D 43 -15.77 3.51 16.09
C ARG D 43 -14.98 4.02 17.28
N GLN D 44 -15.47 3.79 18.50
CA GLN D 44 -14.89 4.40 19.68
C GLN D 44 -13.45 3.94 19.91
N ASP D 45 -13.18 2.64 19.74
CA ASP D 45 -11.85 2.12 20.07
C ASP D 45 -10.77 2.73 19.18
N ILE D 46 -9.64 3.05 19.79
CA ILE D 46 -8.50 3.63 19.08
C ILE D 46 -7.24 2.89 19.53
N GLN D 47 -6.72 2.03 18.64
CA GLN D 47 -5.51 1.26 18.90
C GLN D 47 -4.53 1.53 17.77
N GLN D 48 -3.25 1.26 18.02
CA GLN D 48 -2.25 1.41 16.98
C GLN D 48 -0.96 0.75 17.41
N ASP D 49 -0.27 0.16 16.43
CA ASP D 49 1.06 -0.42 16.63
C ASP D 49 1.90 -0.07 15.41
N PRO D 50 2.44 1.15 15.36
CA PRO D 50 3.28 1.55 14.22
C PRO D 50 4.67 0.94 14.24
N GLY D 51 5.01 0.17 15.28
CA GLY D 51 6.31 -0.45 15.36
C GLY D 51 6.52 -1.57 14.38
N LYS D 52 5.44 -2.15 13.86
CA LYS D 52 5.53 -3.24 12.91
C LYS D 52 5.66 -2.76 11.46
N PHE D 53 5.69 -1.44 11.25
CA PHE D 53 5.89 -0.87 9.92
C PHE D 53 7.10 0.05 9.85
N THR D 54 7.27 0.94 10.83
CA THR D 54 8.34 1.92 10.77
C THR D 54 9.70 1.32 11.13
N ASP D 55 9.73 0.44 12.13
CA ASP D 55 10.97 -0.26 12.53
C ASP D 55 10.70 -1.75 12.66
N PRO D 56 10.65 -2.47 11.54
CA PRO D 56 10.45 -3.93 11.60
C PRO D 56 11.75 -4.70 11.73
N VAL D 57 12.83 -4.01 12.08
CA VAL D 57 14.16 -4.63 12.04
C VAL D 57 14.33 -5.58 13.22
N LYS D 58 15.24 -6.54 13.05
CA LYS D 58 15.51 -7.52 14.10
C LYS D 58 16.35 -6.91 15.22
N ASP D 59 17.53 -6.39 14.88
CA ASP D 59 18.40 -5.77 15.86
C ASP D 59 17.85 -4.40 16.21
N LEU D 60 17.62 -4.16 17.50
CA LEU D 60 17.02 -2.90 17.93
C LEU D 60 17.92 -1.74 17.56
N MET D 61 17.31 -0.66 17.07
CA MET D 61 18.04 0.53 16.66
C MET D 61 17.64 1.68 17.58
N ILE D 62 18.62 2.18 18.34
CA ILE D 62 18.37 3.28 19.27
C ILE D 62 18.39 4.59 18.50
N LYS D 63 17.46 5.48 18.86
CA LYS D 63 17.43 6.82 18.27
C LYS D 63 18.75 7.55 18.50
N THR D 64 19.32 7.42 19.71
CA THR D 64 20.53 8.14 20.07
C THR D 64 21.74 7.61 19.30
N LEU D 65 21.90 6.28 19.26
CA LEU D 65 23.10 5.67 18.71
C LEU D 65 23.14 5.82 17.19
N PRO D 66 24.32 5.67 16.60
CA PRO D 66 24.40 5.57 15.14
C PRO D 66 23.74 4.29 14.64
N ALA D 67 23.34 4.31 13.38
CA ALA D 67 22.57 3.20 12.83
C ALA D 67 23.42 1.96 12.69
N LEU D 68 24.70 2.13 12.36
CA LEU D 68 25.59 1.00 12.14
C LEU D 68 26.88 1.13 12.96
#